data_1I6Q
#
_entry.id   1I6Q
#
_cell.length_a   175.910
_cell.length_b   80.620
_cell.length_c   56.290
_cell.angle_alpha   90.00
_cell.angle_beta   92.37
_cell.angle_gamma   90.00
#
_symmetry.space_group_name_H-M   'C 1 2 1'
#
loop_
_entity.id
_entity.type
_entity.pdbx_description
1 polymer LACTOFERRIN
2 non-polymer 'FE (III) ION'
3 non-polymer 'CARBONATE ION'
4 water water
#
_entity_poly.entity_id   1
_entity_poly.type   'polypeptide(L)'
_entity_poly.pdbx_seq_one_letter_code
;ASKKSVRWCTTSPAESKKCAQWQRRMKKVRGPSVTCVKKTSRFECIQAISTEKADAVTLDGGLVYDAGLDPYKLRPIAAE
VYGTENQPQTHYYAVAIAKKGTNFQLNQLQGLKSCHTGLGRSAGWNIPMGLLRPFLDWTGPPEPLQKAVAKFFSASCVPC
VDGKEYPNLCQLCAGTGENKCACSSQEPYFGYSGAFKCLQDGAGDVAFVKDSTVFESLPAKADRDQYELLCPNNTRKPVD
AFQECHLARVPSHAVVARSVNGKEDLIWKLLVKAQEKFGRGKPSAFQLFGSPAGQKDLLFKDSALGLLRIPKKIDSGLYL
GSNYITAIRGLRETAAEVELRRAQVVWCAVGSDEQLKCQEWSRQSNQSVVCATASTTEDCIALVLKGEADALSLDGGYIY
IAGKCGLVPVLAESQQSPESSGLDCVHRPVKGYLAVAVVRKANDKITWNSLRGKKSCHTAVDRTAGWNIPMGPLFKDTDS
CRFDEFFSQSCAPGSDPRSKLCALCAGNEEGQLKCVPNSSERLYGYTGAFRCLAENVGDVAFVKDVTVLDNTDGKGTEQW
AKDLKLGDFELLCLNGTRKPVTEAESCHLPVAPNHAVVSRIDKVAHLRQVLLRQQAHFGRNGEDCPGKFCLFQSKTKNLL
FNDNTECLAKLQGKTTYDEYLGPQYVTAIAKLRRCSTSPLLEACAFLMR
;
_entity_poly.pdbx_strand_id   A
#
loop_
_chem_comp.id
_chem_comp.type
_chem_comp.name
_chem_comp.formula
CO3 non-polymer 'CARBONATE ION' 'C O3 -2'
FE non-polymer 'FE (III) ION' 'Fe 3'
#
# COMPACT_ATOMS: atom_id res chain seq x y z
N ALA A 1 15.58 -40.05 13.75
CA ALA A 1 14.49 -39.30 13.07
C ALA A 1 14.58 -37.78 13.24
N SER A 2 13.88 -37.17 14.21
CA SER A 2 13.85 -35.72 14.39
C SER A 2 14.27 -35.21 15.79
N LYS A 3 15.29 -34.35 15.79
CA LYS A 3 15.79 -33.71 17.04
C LYS A 3 15.42 -32.20 17.19
N LYS A 4 16.25 -31.50 17.96
CA LYS A 4 16.17 -30.09 18.31
C LYS A 4 16.66 -29.11 17.23
N SER A 5 17.29 -29.60 16.18
CA SER A 5 17.87 -28.77 15.15
C SER A 5 16.83 -28.24 14.17
N VAL A 6 17.33 -27.71 13.07
CA VAL A 6 16.49 -27.32 11.94
C VAL A 6 16.91 -28.14 10.74
N ARG A 7 15.95 -28.75 10.07
CA ARG A 7 16.17 -29.61 8.90
C ARG A 7 16.05 -28.78 7.60
N TRP A 8 17.18 -28.48 6.94
CA TRP A 8 17.27 -27.75 5.71
C TRP A 8 16.89 -28.64 4.53
N CYS A 9 16.47 -28.00 3.42
CA CYS A 9 15.99 -28.82 2.33
C CYS A 9 16.86 -28.64 1.12
N THR A 10 17.83 -29.54 0.95
CA THR A 10 18.74 -29.51 -0.19
C THR A 10 18.04 -30.25 -1.43
N THR A 11 18.25 -29.72 -2.73
CA THR A 11 17.63 -30.17 -4.06
C THR A 11 18.59 -30.84 -5.04
N SER A 12 19.87 -30.59 -4.71
CA SER A 12 21.00 -31.21 -5.41
C SER A 12 21.96 -31.84 -4.45
N PRO A 13 22.69 -32.87 -4.98
CA PRO A 13 23.77 -33.52 -4.22
C PRO A 13 24.83 -32.53 -3.79
N ALA A 14 25.07 -31.59 -4.69
CA ALA A 14 25.99 -30.51 -4.45
C ALA A 14 25.35 -29.59 -3.41
N GLU A 15 24.02 -29.43 -3.48
CA GLU A 15 23.33 -28.64 -2.47
C GLU A 15 23.41 -29.43 -1.20
N SER A 16 23.10 -30.72 -1.16
CA SER A 16 23.33 -31.45 0.09
C SER A 16 24.81 -31.48 0.44
N LYS A 17 25.73 -31.45 -0.52
CA LYS A 17 27.14 -31.37 -0.23
C LYS A 17 27.37 -30.20 0.72
N LYS A 18 26.98 -28.97 0.38
CA LYS A 18 27.31 -27.77 1.16
C LYS A 18 26.74 -27.74 2.58
N CYS A 19 25.57 -28.36 2.68
CA CYS A 19 24.79 -28.62 3.86
C CYS A 19 25.36 -29.76 4.70
N ALA A 20 25.88 -30.81 4.07
CA ALA A 20 26.59 -31.86 4.79
C ALA A 20 27.65 -31.14 5.59
N GLN A 21 28.56 -30.35 5.02
CA GLN A 21 29.48 -29.60 5.91
C GLN A 21 28.87 -28.39 6.69
N TRP A 22 27.72 -27.80 6.31
CA TRP A 22 27.16 -26.64 7.01
C TRP A 22 26.82 -27.12 8.41
N GLN A 23 26.19 -28.30 8.40
CA GLN A 23 25.88 -29.06 9.62
C GLN A 23 27.18 -29.36 10.45
N ARG A 24 28.28 -29.71 9.78
CA ARG A 24 29.46 -30.12 10.58
C ARG A 24 30.09 -28.91 11.26
N ARG A 25 30.42 -27.86 10.51
CA ARG A 25 31.04 -26.71 11.18
C ARG A 25 30.14 -26.07 12.23
N MET A 26 28.81 -26.27 12.09
CA MET A 26 27.78 -25.66 12.95
C MET A 26 27.75 -26.20 14.41
N LYS A 27 28.13 -27.46 14.56
CA LYS A 27 28.24 -28.12 15.87
C LYS A 27 29.57 -27.69 16.42
N LYS A 28 30.57 -27.56 15.52
CA LYS A 28 31.98 -27.27 15.89
C LYS A 28 32.16 -25.86 16.53
N VAL A 29 31.52 -24.81 16.04
CA VAL A 29 31.55 -23.46 16.64
C VAL A 29 30.52 -23.26 17.75
N ARG A 30 29.61 -24.19 17.81
CA ARG A 30 28.46 -24.15 18.68
C ARG A 30 27.56 -23.02 18.21
N GLY A 31 26.53 -23.41 17.49
CA GLY A 31 25.53 -22.45 16.94
C GLY A 31 24.45 -23.45 16.51
N PRO A 32 23.19 -23.08 16.43
CA PRO A 32 22.12 -24.01 16.15
C PRO A 32 22.47 -25.17 15.25
N SER A 33 22.08 -26.35 15.73
CA SER A 33 22.34 -27.61 15.05
C SER A 33 21.56 -27.50 13.75
N VAL A 34 22.11 -27.97 12.58
CA VAL A 34 21.37 -28.07 11.31
C VAL A 34 21.76 -29.37 10.59
N THR A 35 20.74 -30.10 10.17
CA THR A 35 20.82 -31.38 9.39
C THR A 35 20.17 -31.21 8.04
N CYS A 36 20.56 -31.96 7.03
CA CYS A 36 19.95 -31.83 5.71
C CYS A 36 18.95 -32.85 5.25
N VAL A 37 17.95 -32.41 4.52
CA VAL A 37 16.96 -33.33 3.93
C VAL A 37 17.06 -33.15 2.44
N LYS A 38 17.55 -34.16 1.75
CA LYS A 38 17.70 -33.96 0.35
C LYS A 38 16.65 -34.56 -0.48
N LYS A 39 16.00 -33.64 -1.13
CA LYS A 39 15.05 -34.05 -2.11
C LYS A 39 15.67 -33.89 -3.52
N THR A 40 14.81 -33.55 -4.49
CA THR A 40 15.13 -33.52 -5.93
C THR A 40 14.78 -32.26 -6.77
N SER A 41 13.87 -31.42 -6.25
CA SER A 41 13.33 -30.22 -6.77
C SER A 41 12.89 -29.38 -5.57
N ARG A 42 12.81 -28.10 -5.75
CA ARG A 42 12.41 -27.19 -4.67
C ARG A 42 10.95 -27.49 -4.39
N PHE A 43 10.21 -27.83 -5.41
CA PHE A 43 8.83 -28.23 -5.40
C PHE A 43 8.70 -29.40 -4.45
N GLU A 44 9.59 -30.36 -4.57
CA GLU A 44 9.72 -31.41 -3.58
C GLU A 44 9.80 -30.81 -2.18
N CYS A 45 10.83 -30.01 -1.91
CA CYS A 45 11.02 -29.30 -0.65
C CYS A 45 9.78 -28.58 -0.15
N ILE A 46 9.01 -27.88 -1.02
CA ILE A 46 7.74 -27.30 -0.61
C ILE A 46 6.94 -28.36 0.15
N GLN A 47 6.59 -29.47 -0.48
CA GLN A 47 5.83 -30.55 0.14
C GLN A 47 6.46 -31.17 1.38
N ALA A 48 7.76 -31.47 1.42
CA ALA A 48 8.40 -31.96 2.63
C ALA A 48 8.28 -31.00 3.80
N ILE A 49 8.70 -29.75 3.70
CA ILE A 49 8.45 -28.73 4.70
C ILE A 49 6.98 -28.71 5.12
N SER A 50 6.06 -28.68 4.17
CA SER A 50 4.64 -28.56 4.41
C SER A 50 3.96 -29.69 5.17
N THR A 51 4.62 -30.85 5.30
CA THR A 51 4.07 -31.95 6.06
C THR A 51 5.10 -32.46 7.07
N GLU A 52 5.90 -31.57 7.64
CA GLU A 52 6.83 -31.84 8.70
C GLU A 52 8.00 -32.73 8.34
N LYS A 53 8.25 -32.96 7.05
CA LYS A 53 9.40 -33.76 6.66
C LYS A 53 10.67 -32.89 6.60
N ALA A 54 10.61 -31.58 6.49
CA ALA A 54 11.77 -30.73 6.50
C ALA A 54 11.33 -29.47 7.16
N ASP A 55 12.23 -28.58 7.53
CA ASP A 55 11.62 -27.36 8.07
C ASP A 55 11.82 -26.10 7.25
N ALA A 56 12.99 -25.90 6.58
CA ALA A 56 13.29 -24.63 5.84
C ALA A 56 13.89 -24.80 4.45
N VAL A 57 13.66 -23.80 3.55
CA VAL A 57 14.34 -23.84 2.22
C VAL A 57 14.25 -22.50 1.52
N THR A 58 15.24 -21.93 0.85
CA THR A 58 15.04 -20.66 0.15
C THR A 58 14.51 -20.77 -1.28
N LEU A 59 13.49 -19.97 -1.61
CA LEU A 59 12.82 -20.03 -2.94
C LEU A 59 12.71 -18.68 -3.68
N ASP A 60 12.37 -18.73 -5.03
CA ASP A 60 12.20 -17.58 -5.94
C ASP A 60 10.80 -17.03 -5.71
N GLY A 61 10.53 -15.81 -6.20
CA GLY A 61 9.23 -15.27 -6.00
C GLY A 61 8.13 -16.07 -6.72
N GLY A 62 8.48 -16.78 -7.77
CA GLY A 62 7.47 -17.57 -8.44
C GLY A 62 7.00 -18.69 -7.50
N LEU A 63 7.94 -19.33 -6.80
CA LEU A 63 7.77 -20.45 -5.91
C LEU A 63 7.38 -19.95 -4.52
N VAL A 64 7.69 -18.72 -4.16
CA VAL A 64 7.17 -18.23 -2.89
C VAL A 64 5.64 -18.23 -3.02
N TYR A 65 5.23 -17.76 -4.18
CA TYR A 65 3.83 -17.50 -4.41
C TYR A 65 3.10 -18.82 -4.19
N ASP A 66 3.60 -19.81 -4.93
CA ASP A 66 3.11 -21.16 -4.92
C ASP A 66 3.24 -21.98 -3.63
N ALA A 67 4.22 -21.70 -2.81
CA ALA A 67 4.42 -22.34 -1.54
C ALA A 67 3.43 -21.71 -0.55
N GLY A 68 3.00 -20.45 -0.73
CA GLY A 68 2.08 -19.88 0.24
C GLY A 68 0.64 -20.07 -0.08
N LEU A 69 0.33 -20.84 -1.08
CA LEU A 69 -0.90 -21.10 -1.76
C LEU A 69 -1.65 -22.21 -1.03
N ASP A 70 -2.86 -22.48 -1.56
CA ASP A 70 -3.75 -23.30 -0.81
C ASP A 70 -3.19 -24.50 -0.13
N PRO A 71 -2.75 -25.56 -0.78
CA PRO A 71 -2.42 -26.80 -0.09
C PRO A 71 -1.35 -26.76 0.98
N TYR A 72 -0.33 -25.90 0.77
CA TYR A 72 0.90 -25.89 1.55
C TYR A 72 1.08 -24.82 2.60
N LYS A 73 0.76 -23.58 2.32
CA LYS A 73 0.80 -22.37 3.07
C LYS A 73 2.07 -22.06 3.81
N LEU A 74 3.23 -21.96 3.18
CA LEU A 74 4.42 -21.66 3.97
C LEU A 74 4.51 -20.15 3.89
N ARG A 75 5.43 -19.62 4.71
CA ARG A 75 5.54 -18.17 4.65
C ARG A 75 7.00 -17.79 4.54
N PRO A 76 7.17 -16.63 3.92
CA PRO A 76 8.48 -15.93 3.88
C PRO A 76 8.98 -15.50 5.25
N ILE A 77 10.11 -16.06 5.72
CA ILE A 77 10.65 -15.65 7.01
C ILE A 77 11.88 -14.78 6.79
N ALA A 78 12.58 -14.93 5.68
CA ALA A 78 13.78 -14.10 5.55
C ALA A 78 14.14 -13.71 4.12
N ALA A 79 14.42 -12.43 3.95
CA ALA A 79 14.74 -11.95 2.60
C ALA A 79 16.23 -12.15 2.42
N GLU A 80 16.79 -12.51 1.32
CA GLU A 80 18.21 -12.29 1.01
C GLU A 80 18.43 -10.82 0.71
N VAL A 81 19.68 -10.34 0.88
CA VAL A 81 20.08 -8.98 0.63
C VAL A 81 21.12 -8.94 -0.51
N TYR A 82 20.92 -8.01 -1.51
CA TYR A 82 21.98 -7.91 -2.59
C TYR A 82 22.70 -6.49 -2.62
N GLY A 83 23.57 -6.15 -3.62
CA GLY A 83 24.26 -4.87 -3.65
C GLY A 83 25.59 -4.85 -2.89
N THR A 84 26.04 -3.64 -2.53
CA THR A 84 27.27 -3.39 -1.80
C THR A 84 26.95 -2.99 -0.36
N GLU A 85 27.90 -2.86 0.56
CA GLU A 85 27.55 -2.46 1.92
C GLU A 85 26.88 -1.08 1.99
N ASN A 86 27.43 -0.14 1.22
CA ASN A 86 26.88 1.20 1.11
C ASN A 86 25.39 1.15 0.80
N GLN A 87 25.07 0.43 -0.28
CA GLN A 87 23.71 0.29 -0.74
C GLN A 87 23.22 -1.19 -0.95
N PRO A 88 22.76 -1.82 0.13
CA PRO A 88 22.10 -3.13 0.02
C PRO A 88 20.62 -2.97 -0.30
N GLN A 89 20.15 -3.79 -1.24
CA GLN A 89 18.71 -3.73 -1.61
C GLN A 89 18.17 -5.15 -1.63
N THR A 90 16.90 -5.10 -1.25
CA THR A 90 16.11 -6.26 -1.10
C THR A 90 15.23 -6.61 -2.35
N HIS A 91 15.15 -5.73 -3.32
CA HIS A 91 14.16 -5.97 -4.39
C HIS A 91 14.26 -4.98 -5.52
N TYR A 92 13.39 -4.93 -6.52
CA TYR A 92 13.55 -3.79 -7.44
C TYR A 92 12.28 -3.67 -8.26
N TYR A 93 12.01 -2.53 -8.91
CA TYR A 93 10.88 -2.42 -9.85
C TYR A 93 11.18 -2.85 -11.32
N ALA A 94 10.42 -3.81 -11.86
CA ALA A 94 10.46 -4.12 -13.29
C ALA A 94 9.72 -2.94 -13.97
N VAL A 95 10.34 -2.40 -15.00
CA VAL A 95 10.06 -1.09 -15.59
C VAL A 95 10.03 -1.19 -17.12
N ALA A 96 9.30 -0.28 -17.82
CA ALA A 96 9.19 -0.25 -19.28
C ALA A 96 9.69 1.07 -19.87
N ILE A 97 10.82 1.24 -20.55
CA ILE A 97 11.29 2.51 -21.02
C ILE A 97 11.01 2.70 -22.53
N ALA A 98 11.13 3.94 -23.00
CA ALA A 98 10.74 4.35 -24.35
C ALA A 98 11.37 5.73 -24.62
N LYS A 99 11.48 6.10 -25.91
CA LYS A 99 12.13 7.39 -26.21
C LYS A 99 11.18 8.52 -25.84
N LYS A 100 11.77 9.52 -25.19
CA LYS A 100 10.97 10.70 -24.96
C LYS A 100 10.55 11.14 -26.36
N GLY A 101 9.23 11.25 -26.55
CA GLY A 101 8.80 11.77 -27.89
C GLY A 101 7.58 10.96 -28.32
N THR A 102 7.85 9.77 -28.81
CA THR A 102 6.88 8.70 -28.92
C THR A 102 5.92 9.00 -27.76
N ASN A 103 4.69 8.83 -28.20
CA ASN A 103 3.54 9.23 -27.37
C ASN A 103 2.74 7.96 -27.27
N PHE A 104 3.42 6.80 -27.33
CA PHE A 104 2.73 5.52 -27.13
C PHE A 104 2.62 5.28 -25.63
N GLN A 105 1.57 4.62 -25.18
CA GLN A 105 1.30 4.37 -23.72
C GLN A 105 1.12 2.84 -23.62
N LEU A 106 1.20 2.28 -22.41
CA LEU A 106 1.21 0.82 -22.26
C LEU A 106 0.16 0.11 -23.08
N ASN A 107 -1.04 0.70 -23.14
CA ASN A 107 -2.18 0.24 -23.91
C ASN A 107 -2.01 0.22 -25.43
N GLN A 108 -1.31 1.21 -25.97
CA GLN A 108 -1.04 1.26 -27.40
C GLN A 108 0.26 0.61 -27.80
N LEU A 109 0.59 -0.57 -27.23
CA LEU A 109 1.89 -1.20 -27.45
C LEU A 109 1.82 -2.15 -28.63
N GLN A 110 0.58 -2.42 -28.94
CA GLN A 110 0.32 -3.41 -29.96
C GLN A 110 0.86 -3.04 -31.30
N GLY A 111 1.78 -3.85 -31.71
CA GLY A 111 2.33 -3.62 -33.00
C GLY A 111 3.61 -2.78 -33.05
N LEU A 112 4.18 -2.42 -31.92
CA LEU A 112 5.47 -1.72 -31.94
C LEU A 112 6.57 -2.83 -31.96
N LYS A 113 7.83 -2.40 -31.95
CA LYS A 113 8.95 -3.30 -31.88
C LYS A 113 9.38 -3.30 -30.41
N SER A 114 9.57 -4.45 -29.82
CA SER A 114 10.14 -4.58 -28.51
C SER A 114 11.56 -5.14 -28.46
N CYS A 115 12.28 -4.73 -27.41
CA CYS A 115 13.56 -5.21 -26.96
C CYS A 115 13.32 -5.84 -25.57
N HIS A 116 13.66 -7.09 -25.34
CA HIS A 116 13.46 -7.74 -24.06
C HIS A 116 14.85 -8.25 -23.62
N THR A 117 15.02 -8.47 -22.31
CA THR A 117 16.29 -8.96 -21.74
C THR A 117 16.60 -10.41 -22.05
N GLY A 118 15.59 -11.20 -22.22
CA GLY A 118 15.94 -12.64 -22.44
C GLY A 118 14.61 -13.34 -22.35
N LEU A 119 14.28 -14.35 -23.10
CA LEU A 119 12.99 -15.06 -22.97
C LEU A 119 12.94 -15.63 -21.55
N GLY A 120 11.71 -15.88 -21.04
CA GLY A 120 11.25 -16.57 -19.73
C GLY A 120 11.59 -16.02 -18.32
N ARG A 121 12.34 -14.91 -18.43
CA ARG A 121 13.15 -14.00 -17.47
C ARG A 121 12.52 -13.60 -16.13
N SER A 122 12.03 -12.38 -16.05
CA SER A 122 11.22 -11.92 -14.91
C SER A 122 10.52 -10.66 -15.39
N ALA A 123 11.52 -9.65 -15.43
CA ALA A 123 11.66 -8.21 -15.76
C ALA A 123 11.54 -7.92 -17.28
N GLY A 124 12.19 -8.83 -18.02
CA GLY A 124 12.21 -8.83 -19.48
C GLY A 124 11.07 -9.65 -20.11
N TRP A 125 10.68 -10.78 -19.57
CA TRP A 125 9.61 -11.51 -20.26
C TRP A 125 8.32 -11.69 -19.45
N ASN A 126 8.43 -12.37 -18.29
CA ASN A 126 7.31 -12.77 -17.46
C ASN A 126 6.50 -11.66 -16.84
N ILE A 127 7.20 -10.68 -16.29
CA ILE A 127 6.55 -9.54 -15.67
C ILE A 127 5.79 -8.74 -16.70
N PRO A 128 6.30 -8.24 -17.82
CA PRO A 128 5.58 -7.44 -18.77
C PRO A 128 4.53 -8.10 -19.65
N MET A 129 4.73 -9.32 -20.08
CA MET A 129 3.92 -10.12 -20.95
C MET A 129 2.82 -10.85 -20.19
N GLY A 130 2.88 -10.85 -18.85
CA GLY A 130 1.81 -11.45 -18.06
C GLY A 130 0.86 -10.38 -17.56
N LEU A 131 1.44 -9.17 -17.48
CA LEU A 131 0.62 -8.02 -17.16
C LEU A 131 -0.15 -7.56 -18.40
N LEU A 132 0.46 -7.59 -19.54
CA LEU A 132 -0.30 -7.20 -20.68
C LEU A 132 -1.33 -8.27 -21.11
N ARG A 133 -1.41 -9.43 -20.46
CA ARG A 133 -2.34 -10.57 -20.82
C ARG A 133 -3.65 -10.27 -21.56
N PRO A 134 -4.27 -9.15 -21.18
CA PRO A 134 -5.56 -8.66 -21.79
C PRO A 134 -5.61 -8.36 -23.28
N PHE A 135 -4.64 -7.55 -23.66
CA PHE A 135 -4.58 -7.14 -24.98
C PHE A 135 -3.96 -8.28 -25.86
N LEU A 136 -3.22 -9.23 -25.31
CA LEU A 136 -2.52 -10.22 -26.11
C LEU A 136 -3.26 -11.07 -27.18
N ASP A 137 -4.43 -11.57 -26.84
CA ASP A 137 -5.15 -12.45 -27.72
C ASP A 137 -4.54 -13.86 -27.58
N TRP A 138 -4.60 -14.32 -26.31
CA TRP A 138 -4.05 -15.62 -25.96
C TRP A 138 -4.95 -16.45 -25.04
N THR A 139 -5.29 -17.52 -25.67
CA THR A 139 -6.14 -18.62 -25.20
C THR A 139 -5.76 -19.05 -23.76
N GLY A 140 -4.50 -19.19 -23.47
CA GLY A 140 -3.97 -19.70 -22.24
C GLY A 140 -3.03 -20.84 -22.66
N PRO A 141 -2.47 -21.55 -21.69
CA PRO A 141 -1.33 -22.42 -21.73
C PRO A 141 -0.59 -23.33 -22.68
N PRO A 142 -1.25 -24.40 -23.18
CA PRO A 142 -0.77 -25.34 -24.17
C PRO A 142 -0.39 -24.72 -25.52
N GLU A 143 -0.98 -23.55 -25.73
CA GLU A 143 -0.56 -22.55 -26.68
C GLU A 143 0.72 -21.90 -26.13
N PRO A 144 1.77 -22.10 -26.94
CA PRO A 144 3.05 -21.49 -26.67
C PRO A 144 2.73 -20.00 -26.44
N LEU A 145 3.03 -19.51 -25.23
CA LEU A 145 2.84 -18.11 -25.01
C LEU A 145 3.35 -17.34 -26.22
N GLN A 146 4.55 -17.70 -26.66
CA GLN A 146 5.31 -17.01 -27.71
C GLN A 146 4.71 -16.76 -29.06
N LYS A 147 3.50 -17.28 -29.36
CA LYS A 147 2.99 -16.92 -30.69
C LYS A 147 1.88 -15.82 -30.55
N ALA A 148 1.32 -15.70 -29.34
CA ALA A 148 0.59 -14.53 -28.94
C ALA A 148 1.67 -13.44 -28.88
N VAL A 149 2.94 -13.60 -28.51
CA VAL A 149 3.79 -12.40 -28.46
C VAL A 149 4.32 -12.06 -29.88
N ALA A 150 4.61 -13.10 -30.65
CA ALA A 150 4.90 -13.10 -32.06
C ALA A 150 3.92 -12.27 -32.89
N LYS A 151 2.63 -12.33 -32.58
CA LYS A 151 1.54 -11.63 -33.25
C LYS A 151 1.38 -10.18 -32.74
N PHE A 152 1.59 -9.96 -31.45
CA PHE A 152 1.40 -8.67 -30.82
C PHE A 152 2.44 -7.68 -31.24
N PHE A 153 3.72 -7.81 -30.99
CA PHE A 153 4.68 -6.81 -31.53
C PHE A 153 4.94 -7.02 -33.01
N SER A 154 5.30 -6.00 -33.78
CA SER A 154 5.73 -6.19 -35.18
C SER A 154 7.07 -6.96 -35.17
N ALA A 155 8.25 -6.36 -35.09
CA ALA A 155 9.43 -7.18 -34.84
C ALA A 155 9.90 -6.99 -33.40
N SER A 156 10.71 -7.88 -32.84
CA SER A 156 11.32 -7.61 -31.55
C SER A 156 12.64 -8.35 -31.44
N CYS A 157 13.33 -8.19 -30.30
CA CYS A 157 14.53 -8.94 -30.02
C CYS A 157 14.35 -9.57 -28.65
N VAL A 158 13.78 -10.84 -28.59
CA VAL A 158 13.72 -11.59 -27.31
C VAL A 158 14.81 -12.61 -27.38
N PRO A 159 15.85 -12.24 -26.65
CA PRO A 159 17.02 -13.19 -26.60
C PRO A 159 16.75 -14.71 -26.55
N CYS A 160 17.02 -15.44 -25.55
CA CYS A 160 16.83 -16.90 -25.66
C CYS A 160 15.83 -17.51 -26.73
N VAL A 161 14.71 -16.86 -26.99
CA VAL A 161 13.70 -17.37 -27.93
C VAL A 161 14.28 -18.03 -29.23
N ASP A 162 13.58 -19.05 -29.80
CA ASP A 162 13.87 -19.84 -31.08
C ASP A 162 13.48 -18.99 -32.31
N GLY A 163 14.45 -18.45 -33.10
CA GLY A 163 14.17 -17.65 -34.30
C GLY A 163 13.85 -18.60 -35.40
N LYS A 164 13.64 -19.80 -34.92
CA LYS A 164 13.30 -20.78 -35.85
C LYS A 164 11.78 -20.76 -36.02
N GLU A 165 10.99 -21.21 -35.05
CA GLU A 165 9.51 -21.13 -35.27
C GLU A 165 9.09 -19.71 -35.55
N TYR A 166 9.56 -18.84 -34.66
CA TYR A 166 9.20 -17.42 -34.62
C TYR A 166 10.35 -16.45 -34.83
N PRO A 167 10.59 -15.99 -36.04
CA PRO A 167 11.74 -15.16 -36.37
C PRO A 167 11.81 -13.67 -36.16
N ASN A 168 10.64 -13.04 -35.97
CA ASN A 168 10.57 -11.59 -35.69
C ASN A 168 10.90 -11.32 -34.24
N LEU A 169 10.59 -12.30 -33.39
CA LEU A 169 10.98 -12.19 -32.03
C LEU A 169 12.53 -12.22 -31.96
N CYS A 170 13.21 -12.80 -32.98
CA CYS A 170 14.65 -12.72 -33.00
C CYS A 170 15.01 -11.64 -34.00
N GLN A 171 13.98 -11.03 -34.59
CA GLN A 171 14.28 -10.17 -35.69
C GLN A 171 15.19 -9.00 -35.34
N LEU A 172 15.17 -8.47 -34.12
CA LEU A 172 15.88 -7.18 -34.10
C LEU A 172 17.15 -7.26 -33.31
N CYS A 173 17.53 -8.48 -32.92
CA CYS A 173 18.79 -8.70 -32.20
C CYS A 173 20.03 -8.35 -33.00
N ALA A 174 21.23 -8.26 -32.39
CA ALA A 174 22.33 -7.76 -33.26
C ALA A 174 23.57 -8.62 -33.42
N GLY A 175 23.54 -9.85 -32.93
CA GLY A 175 24.60 -10.81 -33.11
C GLY A 175 24.72 -11.24 -34.58
N THR A 176 25.93 -11.72 -34.91
CA THR A 176 26.18 -12.04 -36.32
C THR A 176 26.44 -13.56 -36.28
N GLY A 177 26.42 -14.19 -37.43
CA GLY A 177 26.72 -15.57 -37.44
C GLY A 177 25.76 -16.34 -36.57
N GLU A 178 26.30 -17.29 -35.84
CA GLU A 178 25.62 -18.23 -34.96
C GLU A 178 25.51 -17.74 -33.53
N ASN A 179 25.23 -16.45 -33.39
CA ASN A 179 25.18 -15.83 -32.08
C ASN A 179 24.07 -14.81 -32.10
N LYS A 180 23.51 -14.62 -33.26
CA LYS A 180 22.37 -13.75 -33.39
C LYS A 180 21.22 -14.31 -32.54
N CYS A 181 20.81 -13.48 -31.57
CA CYS A 181 19.73 -13.86 -30.69
C CYS A 181 20.29 -14.92 -29.76
N ALA A 182 21.62 -14.96 -29.58
CA ALA A 182 22.09 -16.10 -28.77
C ALA A 182 21.57 -15.83 -27.38
N CYS A 183 21.58 -16.86 -26.56
CA CYS A 183 21.10 -16.68 -25.17
C CYS A 183 22.24 -16.57 -24.15
N SER A 184 23.09 -15.59 -24.52
CA SER A 184 24.29 -15.27 -23.76
C SER A 184 24.74 -13.90 -24.25
N SER A 185 25.83 -13.44 -23.68
CA SER A 185 26.44 -12.15 -23.95
C SER A 185 27.19 -12.06 -25.27
N GLN A 186 26.97 -13.06 -26.09
CA GLN A 186 27.45 -13.03 -27.41
C GLN A 186 26.35 -12.51 -28.34
N GLU A 187 25.17 -12.42 -27.80
CA GLU A 187 24.12 -11.57 -28.47
C GLU A 187 24.15 -10.20 -27.78
N PRO A 188 24.50 -9.11 -28.48
CA PRO A 188 24.98 -7.90 -27.83
C PRO A 188 23.81 -7.12 -27.29
N TYR A 189 22.60 -7.53 -27.66
CA TYR A 189 21.40 -6.93 -27.11
C TYR A 189 20.75 -7.97 -26.17
N PHE A 190 21.60 -8.67 -25.41
CA PHE A 190 21.15 -9.60 -24.37
C PHE A 190 21.27 -8.95 -22.98
N GLY A 191 20.38 -9.24 -21.97
CA GLY A 191 20.37 -8.56 -20.71
C GLY A 191 19.65 -7.23 -20.58
N TYR A 192 19.74 -6.69 -19.34
CA TYR A 192 19.27 -5.35 -18.98
C TYR A 192 19.92 -4.27 -19.85
N SER A 193 21.24 -4.28 -19.80
CA SER A 193 22.03 -3.41 -20.64
C SER A 193 21.85 -3.66 -22.12
N GLY A 194 21.67 -4.87 -22.67
CA GLY A 194 21.42 -5.03 -24.09
C GLY A 194 19.95 -4.76 -24.39
N ALA A 195 19.04 -4.98 -23.45
CA ALA A 195 17.66 -4.65 -23.77
C ALA A 195 17.72 -3.14 -23.93
N PHE A 196 18.52 -2.44 -23.13
CA PHE A 196 18.54 -0.99 -23.29
C PHE A 196 19.24 -0.58 -24.56
N LYS A 197 20.38 -1.13 -24.92
CA LYS A 197 21.08 -0.77 -26.15
C LYS A 197 20.12 -1.07 -27.29
N CYS A 198 19.35 -2.14 -27.22
CA CYS A 198 18.37 -2.42 -28.26
C CYS A 198 17.55 -1.18 -28.52
N LEU A 199 17.05 -0.54 -27.48
CA LEU A 199 16.23 0.65 -27.53
C LEU A 199 17.06 1.86 -27.91
N GLN A 200 18.17 2.16 -27.27
CA GLN A 200 19.03 3.30 -27.58
C GLN A 200 19.32 3.30 -29.07
N ASP A 201 19.89 2.21 -29.60
CA ASP A 201 20.26 2.03 -31.00
C ASP A 201 19.09 2.31 -31.95
N GLY A 202 17.84 1.94 -31.68
CA GLY A 202 16.75 2.32 -32.61
C GLY A 202 16.04 1.04 -33.07
N ALA A 203 16.66 -0.09 -32.69
CA ALA A 203 16.02 -1.37 -32.95
C ALA A 203 14.61 -1.42 -32.41
N GLY A 204 14.29 -1.12 -31.15
CA GLY A 204 12.90 -1.19 -30.67
C GLY A 204 12.34 0.21 -30.32
N ASP A 205 11.03 0.20 -30.04
CA ASP A 205 10.32 1.39 -29.55
C ASP A 205 10.21 1.40 -28.03
N VAL A 206 10.19 0.16 -27.43
CA VAL A 206 10.28 -0.01 -25.96
C VAL A 206 11.31 -1.06 -25.61
N ALA A 207 11.88 -0.91 -24.44
CA ALA A 207 12.74 -1.90 -23.79
C ALA A 207 12.04 -2.28 -22.49
N PHE A 208 12.08 -3.49 -22.00
CA PHE A 208 11.59 -3.89 -20.70
C PHE A 208 12.82 -4.29 -19.85
N VAL A 209 13.40 -3.36 -19.10
CA VAL A 209 14.48 -3.56 -18.17
C VAL A 209 14.09 -3.23 -16.74
N LYS A 210 15.00 -2.71 -15.89
CA LYS A 210 14.54 -2.43 -14.53
C LYS A 210 14.94 -1.04 -14.09
N ASP A 211 14.54 -0.69 -12.88
CA ASP A 211 14.70 0.64 -12.37
C ASP A 211 16.00 1.31 -12.73
N SER A 212 17.09 0.69 -12.36
CA SER A 212 18.47 1.03 -12.63
C SER A 212 19.07 1.08 -14.02
N THR A 213 18.69 0.28 -15.02
CA THR A 213 19.35 0.22 -16.32
C THR A 213 19.81 1.56 -16.92
N VAL A 214 18.87 2.56 -17.16
CA VAL A 214 19.32 3.89 -17.68
C VAL A 214 20.38 4.53 -16.81
N PHE A 215 20.27 4.42 -15.49
CA PHE A 215 21.22 5.12 -14.59
C PHE A 215 22.67 4.64 -14.76
N GLU A 216 22.72 3.32 -14.88
CA GLU A 216 23.91 2.56 -15.18
C GLU A 216 24.23 2.76 -16.67
N SER A 217 23.35 2.90 -17.64
CA SER A 217 23.82 2.98 -19.02
C SER A 217 24.15 4.42 -19.39
N LEU A 218 23.35 5.37 -19.01
CA LEU A 218 23.53 6.80 -19.20
C LEU A 218 23.69 7.58 -17.91
N PRO A 219 24.96 7.89 -17.49
CA PRO A 219 25.32 8.61 -16.25
C PRO A 219 24.74 9.94 -16.21
N ALA A 220 25.25 10.68 -17.24
CA ALA A 220 24.94 12.09 -17.45
C ALA A 220 23.57 12.27 -16.91
N LYS A 221 23.08 13.46 -16.77
CA LYS A 221 21.64 13.39 -16.49
C LYS A 221 21.03 13.91 -17.74
N ALA A 222 21.89 14.63 -18.52
CA ALA A 222 21.44 15.22 -19.77
C ALA A 222 20.75 14.24 -20.72
N ASP A 223 21.40 13.11 -20.95
CA ASP A 223 21.06 12.00 -21.78
C ASP A 223 19.78 11.27 -21.38
N ARG A 224 19.64 11.07 -20.05
CA ARG A 224 18.54 10.36 -19.43
C ARG A 224 17.29 11.19 -19.59
N ASP A 225 17.38 12.50 -19.83
CA ASP A 225 16.13 13.22 -20.03
C ASP A 225 15.54 12.94 -21.45
N GLN A 226 16.21 12.19 -22.34
CA GLN A 226 15.62 11.89 -23.64
C GLN A 226 14.81 10.62 -23.56
N TYR A 227 14.50 10.16 -22.33
CA TYR A 227 13.64 9.07 -21.98
C TYR A 227 12.53 9.25 -20.95
N GLU A 228 11.44 8.49 -21.21
CA GLU A 228 10.24 8.43 -20.35
C GLU A 228 9.97 6.99 -19.93
N LEU A 229 9.05 6.78 -18.97
CA LEU A 229 8.74 5.46 -18.40
C LEU A 229 7.24 5.29 -18.66
N LEU A 230 6.67 4.16 -18.93
CA LEU A 230 5.23 4.19 -19.26
C LEU A 230 4.59 3.75 -17.94
N CYS A 231 3.70 4.49 -17.30
CA CYS A 231 3.19 3.96 -16.02
C CYS A 231 1.97 3.16 -16.28
N PRO A 232 1.57 2.36 -15.29
CA PRO A 232 0.40 1.52 -15.40
C PRO A 232 -0.92 2.25 -15.56
N ASN A 233 -0.99 3.57 -15.27
CA ASN A 233 -2.15 4.41 -15.48
C ASN A 233 -2.07 5.02 -16.90
N ASN A 234 -1.02 4.71 -17.61
CA ASN A 234 -1.04 5.13 -18.97
C ASN A 234 -0.54 6.51 -19.08
N THR A 235 0.59 6.76 -18.55
CA THR A 235 1.14 8.10 -18.70
C THR A 235 2.63 7.95 -18.97
N ARG A 236 3.46 8.96 -19.09
CA ARG A 236 4.87 8.67 -19.15
C ARG A 236 5.54 9.46 -18.05
N LYS A 237 6.67 8.90 -17.55
CA LYS A 237 7.37 9.53 -16.42
C LYS A 237 8.89 9.36 -16.52
N PRO A 238 9.63 10.36 -16.12
CA PRO A 238 11.08 10.41 -16.15
C PRO A 238 11.61 9.20 -15.41
N VAL A 239 12.83 8.89 -15.73
CA VAL A 239 13.39 7.62 -15.31
C VAL A 239 13.70 7.42 -13.80
N ASP A 240 13.82 8.48 -12.98
CA ASP A 240 13.73 8.30 -11.54
C ASP A 240 12.32 8.46 -10.99
N ALA A 241 11.23 8.27 -11.70
CA ALA A 241 9.88 8.26 -11.19
C ALA A 241 9.53 6.79 -11.06
N PHE A 242 10.49 5.86 -11.15
CA PHE A 242 10.17 4.45 -11.18
C PHE A 242 9.45 3.91 -9.97
N GLN A 243 9.72 4.50 -8.83
CA GLN A 243 9.11 4.24 -7.53
C GLN A 243 7.60 4.41 -7.58
N GLU A 244 7.09 5.39 -8.31
CA GLU A 244 5.66 5.62 -8.51
C GLU A 244 5.12 5.33 -9.93
N CYS A 245 6.09 5.01 -10.80
CA CYS A 245 5.83 4.66 -12.19
C CYS A 245 6.55 3.40 -12.64
N HIS A 246 6.05 2.25 -12.24
CA HIS A 246 6.70 0.97 -12.46
C HIS A 246 5.71 -0.13 -12.84
N LEU A 247 6.17 -1.30 -13.22
CA LEU A 247 5.41 -2.34 -13.83
C LEU A 247 5.19 -3.40 -12.77
N ALA A 248 6.17 -3.72 -11.95
CA ALA A 248 6.08 -4.69 -10.86
C ALA A 248 7.28 -4.53 -9.97
N ARG A 249 7.20 -4.94 -8.74
CA ARG A 249 8.29 -4.87 -7.77
C ARG A 249 8.74 -6.31 -7.56
N VAL A 250 10.04 -6.63 -7.61
CA VAL A 250 10.41 -8.05 -7.53
C VAL A 250 11.19 -8.36 -6.26
N PRO A 251 10.67 -9.27 -5.38
CA PRO A 251 11.15 -9.41 -4.02
C PRO A 251 12.45 -10.15 -3.94
N SER A 252 13.33 -10.05 -2.95
CA SER A 252 14.52 -10.90 -2.99
C SER A 252 14.05 -12.32 -2.66
N HIS A 253 14.86 -13.29 -3.09
CA HIS A 253 14.51 -14.70 -2.88
C HIS A 253 14.16 -14.91 -1.41
N ALA A 254 13.21 -15.75 -1.00
CA ALA A 254 12.95 -15.84 0.44
C ALA A 254 13.24 -17.21 1.00
N VAL A 255 13.65 -17.37 2.22
CA VAL A 255 13.50 -18.59 3.00
C VAL A 255 12.05 -18.70 3.48
N VAL A 256 11.36 -19.80 3.17
CA VAL A 256 10.03 -20.13 3.67
C VAL A 256 9.92 -21.17 4.80
N ALA A 257 8.83 -21.18 5.57
CA ALA A 257 8.65 -22.17 6.61
C ALA A 257 7.16 -22.31 6.95
N ARG A 258 6.83 -23.34 7.75
CA ARG A 258 5.39 -23.47 7.95
C ARG A 258 4.80 -22.39 8.82
N SER A 259 3.58 -21.97 8.50
CA SER A 259 2.78 -21.04 9.30
C SER A 259 2.31 -21.53 10.68
N VAL A 260 1.71 -22.73 10.69
CA VAL A 260 1.53 -23.54 11.85
C VAL A 260 2.84 -24.28 12.18
N ASN A 261 3.19 -24.12 13.45
CA ASN A 261 4.37 -24.84 13.95
C ASN A 261 5.47 -24.67 12.93
N GLY A 262 5.95 -23.45 12.63
CA GLY A 262 6.99 -23.35 11.63
C GLY A 262 8.40 -23.48 12.10
N LYS A 263 8.75 -23.47 13.36
CA LYS A 263 10.07 -23.32 13.88
C LYS A 263 10.80 -22.03 13.52
N GLU A 264 10.16 -20.90 13.27
CA GLU A 264 10.79 -19.69 12.79
C GLU A 264 12.03 -19.21 13.50
N ASP A 265 11.82 -19.02 14.79
CA ASP A 265 12.75 -18.46 15.74
C ASP A 265 13.99 -19.32 15.73
N LEU A 266 13.78 -20.61 15.77
CA LEU A 266 14.94 -21.52 15.63
C LEU A 266 15.72 -21.31 14.35
N ILE A 267 15.05 -21.31 13.17
CA ILE A 267 15.68 -21.14 11.87
C ILE A 267 16.41 -19.81 11.79
N TRP A 268 15.71 -18.77 12.21
CA TRP A 268 16.32 -17.48 12.34
C TRP A 268 17.51 -17.40 13.30
N LYS A 269 17.55 -18.09 14.44
CA LYS A 269 18.72 -18.06 15.31
C LYS A 269 19.80 -18.87 14.64
N LEU A 270 19.48 -19.95 13.95
CA LEU A 270 20.49 -20.70 13.19
C LEU A 270 21.07 -19.79 12.12
N LEU A 271 20.28 -18.99 11.47
CA LEU A 271 20.75 -18.08 10.41
C LEU A 271 21.57 -16.94 10.95
N VAL A 272 21.25 -16.42 12.16
CA VAL A 272 22.14 -15.33 12.62
C VAL A 272 23.56 -15.90 12.91
N LYS A 273 23.72 -17.07 13.58
CA LYS A 273 25.09 -17.60 13.93
C LYS A 273 25.93 -18.01 12.69
N ALA A 274 25.37 -18.49 11.58
CA ALA A 274 26.22 -18.88 10.45
C ALA A 274 26.57 -17.72 9.55
N GLN A 275 25.76 -16.69 9.71
CA GLN A 275 25.93 -15.39 9.06
C GLN A 275 26.99 -14.63 9.84
N GLU A 276 26.83 -14.70 11.17
CA GLU A 276 27.84 -14.19 12.09
C GLU A 276 29.18 -14.91 11.93
N LYS A 277 29.23 -16.24 11.87
CA LYS A 277 30.52 -16.96 11.90
C LYS A 277 31.13 -17.35 10.59
N PHE A 278 30.39 -17.45 9.50
CA PHE A 278 30.76 -17.80 8.15
C PHE A 278 30.26 -16.97 6.95
N GLY A 279 29.52 -15.92 7.18
CA GLY A 279 28.85 -15.13 6.17
C GLY A 279 29.75 -14.35 5.24
N ARG A 280 29.20 -13.43 4.41
CA ARG A 280 30.06 -12.65 3.51
C ARG A 280 31.14 -12.00 4.37
N GLY A 281 32.35 -11.83 3.85
CA GLY A 281 33.42 -11.09 4.49
C GLY A 281 33.97 -11.69 5.76
N LYS A 282 33.97 -13.02 5.75
CA LYS A 282 34.41 -13.73 6.93
C LYS A 282 35.73 -14.38 6.60
N PRO A 283 36.42 -14.70 7.70
CA PRO A 283 37.65 -15.49 7.68
C PRO A 283 37.63 -16.75 6.89
N SER A 284 36.52 -17.36 6.73
CA SER A 284 36.51 -18.75 6.30
C SER A 284 36.67 -19.21 4.83
N ALA A 285 36.54 -20.54 4.65
CA ALA A 285 36.55 -21.22 3.35
C ALA A 285 35.15 -21.75 3.16
N PHE A 286 34.59 -22.29 4.24
CA PHE A 286 33.21 -22.64 4.23
C PHE A 286 32.51 -21.28 4.40
N GLN A 287 31.98 -20.85 3.31
CA GLN A 287 31.24 -19.61 3.29
C GLN A 287 29.80 -19.93 2.94
N LEU A 288 28.86 -19.50 3.74
CA LEU A 288 27.45 -19.79 3.44
C LEU A 288 27.04 -19.36 2.03
N PHE A 289 27.31 -18.08 1.80
CA PHE A 289 27.03 -17.50 0.51
C PHE A 289 28.29 -17.46 -0.32
N GLY A 290 28.47 -18.58 -0.98
CA GLY A 290 29.55 -18.86 -1.92
C GLY A 290 29.43 -20.33 -2.38
N SER A 291 29.62 -20.56 -3.67
CA SER A 291 29.58 -21.95 -4.16
C SER A 291 30.94 -22.31 -4.75
N PRO A 292 31.05 -23.62 -5.12
CA PRO A 292 32.21 -24.40 -5.80
C PRO A 292 32.51 -24.03 -7.26
N ALA A 293 32.94 -25.07 -8.05
CA ALA A 293 33.31 -24.75 -9.44
C ALA A 293 32.31 -25.30 -10.37
N GLY A 294 32.13 -26.34 -10.96
CA GLY A 294 30.88 -25.94 -11.76
C GLY A 294 29.47 -25.65 -11.00
N GLN A 295 29.34 -25.49 -9.58
CA GLN A 295 28.14 -25.57 -8.71
C GLN A 295 27.65 -24.18 -8.42
N LYS A 296 26.38 -23.94 -8.75
CA LYS A 296 25.93 -22.56 -8.60
C LYS A 296 24.77 -22.23 -7.70
N ASP A 297 25.05 -21.26 -6.84
CA ASP A 297 24.05 -20.82 -5.90
C ASP A 297 23.46 -22.02 -5.19
N LEU A 298 24.29 -22.86 -4.62
CA LEU A 298 23.70 -23.92 -3.88
C LEU A 298 23.30 -23.34 -2.53
N LEU A 299 22.07 -23.73 -2.12
CA LEU A 299 21.44 -23.34 -0.88
C LEU A 299 20.87 -21.95 -0.89
N PHE A 300 21.78 -20.94 -0.97
CA PHE A 300 21.51 -19.52 -0.93
C PHE A 300 22.06 -18.96 -2.24
N LYS A 301 22.14 -17.64 -2.36
CA LYS A 301 22.71 -17.12 -3.60
C LYS A 301 24.15 -16.78 -3.30
N ASP A 302 25.07 -16.95 -4.25
CA ASP A 302 26.48 -16.58 -4.12
C ASP A 302 26.70 -15.09 -4.27
N SER A 303 25.67 -14.45 -4.76
CA SER A 303 25.50 -13.05 -5.00
C SER A 303 25.16 -12.28 -3.72
N ALA A 304 24.64 -12.95 -2.70
CA ALA A 304 23.98 -12.38 -1.53
C ALA A 304 24.85 -11.85 -0.41
N LEU A 305 24.40 -10.82 0.33
CA LEU A 305 25.28 -10.31 1.38
C LEU A 305 24.72 -10.46 2.78
N GLY A 306 23.65 -11.22 2.92
CA GLY A 306 23.07 -11.46 4.25
C GLY A 306 21.60 -11.87 4.10
N LEU A 307 20.95 -12.15 5.23
CA LEU A 307 19.53 -12.45 5.26
C LEU A 307 18.78 -11.43 6.11
N LEU A 308 17.46 -11.39 6.08
CA LEU A 308 16.72 -10.52 6.98
C LEU A 308 15.41 -11.11 7.49
N ARG A 309 15.13 -10.99 8.77
CA ARG A 309 13.84 -11.48 9.28
C ARG A 309 12.77 -10.49 8.81
N ILE A 310 11.76 -11.02 8.19
CA ILE A 310 10.59 -10.40 7.62
C ILE A 310 9.46 -10.36 8.64
N PRO A 311 8.93 -9.17 8.95
CA PRO A 311 7.77 -9.00 9.79
C PRO A 311 6.80 -10.17 9.76
N LYS A 312 6.17 -10.52 10.88
CA LYS A 312 5.25 -11.66 10.98
C LYS A 312 3.88 -11.45 10.38
N LYS A 313 3.52 -10.18 10.25
CA LYS A 313 2.39 -9.76 9.43
C LYS A 313 2.52 -10.23 7.98
N ILE A 314 3.68 -10.19 7.37
CA ILE A 314 3.89 -10.49 5.97
C ILE A 314 3.73 -11.96 5.63
N ASP A 315 2.88 -12.23 4.63
CA ASP A 315 2.66 -13.57 4.11
C ASP A 315 3.06 -13.74 2.63
N SER A 316 2.69 -14.83 1.99
CA SER A 316 3.04 -15.12 0.62
C SER A 316 2.74 -13.91 -0.23
N GLY A 317 1.50 -13.48 -0.43
CA GLY A 317 1.12 -12.30 -1.21
C GLY A 317 1.47 -10.86 -0.91
N LEU A 318 1.55 -10.38 0.32
CA LEU A 318 2.08 -9.11 0.67
C LEU A 318 3.58 -9.10 0.34
N TYR A 319 4.29 -10.19 0.63
CA TYR A 319 5.73 -10.27 0.31
C TYR A 319 5.84 -10.04 -1.20
N LEU A 320 5.10 -10.80 -1.98
CA LEU A 320 5.17 -10.62 -3.42
C LEU A 320 4.61 -9.28 -3.92
N GLY A 321 3.38 -8.97 -3.51
CA GLY A 321 2.67 -7.81 -3.98
C GLY A 321 1.52 -8.12 -4.94
N SER A 322 0.81 -7.13 -5.52
CA SER A 322 -0.36 -7.41 -6.33
C SER A 322 -0.07 -7.51 -7.83
N ASN A 323 0.85 -6.61 -8.16
CA ASN A 323 1.48 -6.50 -9.48
C ASN A 323 2.24 -7.77 -9.79
N TYR A 324 3.16 -8.24 -8.96
CA TYR A 324 3.71 -9.56 -9.18
C TYR A 324 2.71 -10.69 -9.24
N ILE A 325 1.78 -10.82 -8.30
CA ILE A 325 0.85 -11.95 -8.31
C ILE A 325 -0.06 -11.89 -9.52
N THR A 326 -0.49 -10.69 -9.90
CA THR A 326 -1.16 -10.52 -11.21
C THR A 326 -0.41 -10.98 -12.45
N ALA A 327 0.94 -10.80 -12.46
CA ALA A 327 1.80 -11.15 -13.60
C ALA A 327 1.88 -12.66 -13.69
N ILE A 328 2.05 -13.32 -12.56
CA ILE A 328 1.89 -14.76 -12.44
C ILE A 328 0.51 -15.26 -12.84
N ARG A 329 -0.60 -14.69 -12.31
CA ARG A 329 -1.93 -15.23 -12.64
C ARG A 329 -2.31 -15.14 -14.12
N GLY A 330 -2.10 -14.02 -14.81
CA GLY A 330 -2.29 -13.90 -16.23
C GLY A 330 -1.42 -14.68 -17.19
N LEU A 331 -0.44 -15.46 -16.70
CA LEU A 331 0.49 -16.29 -17.60
C LEU A 331 -0.03 -17.72 -17.66
N ARG A 332 -0.73 -18.00 -16.57
CA ARG A 332 -1.29 -19.29 -16.42
C ARG A 332 -2.71 -19.19 -15.97
N GLU A 333 -3.52 -18.70 -16.83
CA GLU A 333 -4.90 -18.59 -16.62
C GLU A 333 -5.51 -18.63 -17.98
N THR A 334 -6.79 -18.79 -17.94
CA THR A 334 -7.59 -18.98 -19.10
C THR A 334 -8.20 -17.67 -19.59
N ALA A 335 -7.87 -17.18 -20.76
CA ALA A 335 -8.46 -15.89 -21.16
C ALA A 335 -9.91 -15.74 -20.60
N ALA A 336 -10.49 -16.85 -20.18
CA ALA A 336 -11.80 -17.01 -19.58
C ALA A 336 -11.78 -16.34 -18.21
N GLU A 337 -11.22 -17.09 -17.26
CA GLU A 337 -10.91 -16.62 -15.94
C GLU A 337 -10.24 -15.25 -15.99
N VAL A 338 -9.41 -14.82 -16.94
CA VAL A 338 -8.76 -13.54 -16.98
C VAL A 338 -9.74 -12.40 -17.24
N GLU A 339 -10.70 -12.46 -18.14
CA GLU A 339 -11.59 -11.31 -18.26
C GLU A 339 -12.74 -11.32 -17.27
N LEU A 340 -13.06 -12.38 -16.51
CA LEU A 340 -13.90 -12.27 -15.33
C LEU A 340 -13.25 -11.51 -14.18
N ARG A 341 -11.99 -11.61 -13.83
CA ARG A 341 -11.21 -10.87 -12.87
C ARG A 341 -10.89 -9.46 -13.34
N ARG A 342 -10.55 -9.35 -14.61
CA ARG A 342 -10.39 -8.05 -15.26
C ARG A 342 -11.69 -7.14 -15.08
N ALA A 343 -12.95 -7.68 -15.27
CA ALA A 343 -14.27 -6.92 -15.23
C ALA A 343 -14.97 -6.55 -13.88
N GLN A 344 -15.05 -7.47 -12.90
CA GLN A 344 -15.83 -7.22 -11.69
C GLN A 344 -15.07 -6.80 -10.39
N VAL A 345 -15.78 -6.07 -9.53
CA VAL A 345 -15.28 -5.54 -8.32
C VAL A 345 -15.49 -6.46 -7.08
N VAL A 346 -14.39 -6.92 -6.41
CA VAL A 346 -14.55 -7.68 -5.15
C VAL A 346 -14.56 -6.59 -4.07
N TRP A 347 -15.45 -6.66 -3.15
CA TRP A 347 -15.50 -5.57 -2.23
C TRP A 347 -14.93 -6.02 -0.87
N CYS A 348 -13.81 -5.50 -0.37
CA CYS A 348 -13.40 -5.98 0.96
C CYS A 348 -14.58 -5.55 1.85
N ALA A 349 -15.15 -6.37 2.70
CA ALA A 349 -16.22 -5.93 3.60
C ALA A 349 -15.72 -6.07 5.01
N VAL A 350 -16.13 -5.32 6.03
CA VAL A 350 -15.65 -5.65 7.40
C VAL A 350 -16.71 -6.13 8.39
N GLY A 351 -16.52 -7.30 9.04
CA GLY A 351 -17.52 -7.85 9.95
C GLY A 351 -18.79 -8.32 9.23
N SER A 352 -19.71 -8.99 9.97
CA SER A 352 -20.85 -9.58 9.33
C SER A 352 -22.01 -8.85 8.72
N ASP A 353 -22.48 -7.65 9.11
CA ASP A 353 -23.66 -7.13 8.39
C ASP A 353 -23.22 -6.34 7.16
N GLU A 354 -21.97 -5.89 7.29
CA GLU A 354 -21.15 -5.32 6.23
C GLU A 354 -20.93 -6.51 5.30
N GLN A 355 -20.79 -7.64 5.89
CA GLN A 355 -20.82 -8.85 5.13
C GLN A 355 -22.14 -9.09 4.30
N LEU A 356 -23.26 -9.07 5.06
CA LEU A 356 -24.55 -9.35 4.44
C LEU A 356 -25.11 -8.24 3.59
N LYS A 357 -24.62 -7.02 3.78
CA LYS A 357 -25.05 -5.93 2.93
C LYS A 357 -24.39 -6.02 1.55
N CYS A 358 -23.18 -6.54 1.43
CA CYS A 358 -22.51 -6.58 0.17
C CYS A 358 -22.97 -7.79 -0.58
N GLN A 359 -23.36 -8.81 0.19
CA GLN A 359 -23.87 -9.95 -0.56
C GLN A 359 -25.29 -9.61 -1.00
N GLU A 360 -25.88 -8.66 -0.35
CA GLU A 360 -27.18 -8.15 -0.69
C GLU A 360 -27.08 -7.33 -1.99
N TRP A 361 -26.00 -6.52 -2.02
CA TRP A 361 -25.66 -5.64 -3.13
C TRP A 361 -25.17 -6.46 -4.31
N SER A 362 -24.37 -7.48 -4.08
CA SER A 362 -23.95 -8.53 -4.99
C SER A 362 -25.05 -9.16 -5.82
N ARG A 363 -26.04 -9.79 -5.17
CA ARG A 363 -27.14 -10.46 -5.85
C ARG A 363 -27.95 -9.41 -6.61
N GLN A 364 -28.12 -8.30 -5.89
CA GLN A 364 -28.83 -7.10 -6.33
C GLN A 364 -28.25 -6.55 -7.64
N SER A 365 -26.92 -6.53 -7.65
CA SER A 365 -26.16 -6.07 -8.80
C SER A 365 -26.10 -7.15 -9.87
N ASN A 366 -26.56 -8.38 -9.59
CA ASN A 366 -26.55 -9.43 -10.61
C ASN A 366 -25.05 -9.64 -10.87
N GLN A 367 -24.33 -9.88 -9.78
CA GLN A 367 -22.96 -10.14 -9.59
C GLN A 367 -21.83 -9.35 -10.21
N SER A 368 -21.88 -8.01 -10.38
CA SER A 368 -20.73 -7.27 -10.88
C SER A 368 -19.92 -6.70 -9.74
N VAL A 369 -20.51 -6.82 -8.53
CA VAL A 369 -19.79 -6.53 -7.29
C VAL A 369 -19.77 -7.83 -6.46
N VAL A 370 -18.59 -8.22 -5.99
CA VAL A 370 -18.44 -9.45 -5.22
C VAL A 370 -17.96 -9.18 -3.79
N CYS A 371 -17.92 -10.22 -2.96
CA CYS A 371 -17.49 -10.05 -1.57
C CYS A 371 -16.35 -10.86 -0.97
N ALA A 372 -15.18 -10.25 -0.74
CA ALA A 372 -14.15 -10.82 0.12
C ALA A 372 -14.46 -10.25 1.50
N THR A 373 -14.17 -10.85 2.69
CA THR A 373 -14.38 -10.16 4.00
C THR A 373 -13.12 -10.49 4.87
N ALA A 374 -12.66 -9.46 5.58
CA ALA A 374 -11.50 -9.51 6.48
C ALA A 374 -11.96 -9.41 7.94
N SER A 375 -11.21 -9.81 8.95
CA SER A 375 -11.82 -9.60 10.24
C SER A 375 -11.60 -8.13 10.68
N THR A 376 -10.77 -7.37 9.99
CA THR A 376 -10.67 -5.92 10.31
C THR A 376 -10.39 -5.12 9.06
N THR A 377 -10.34 -3.81 9.35
CA THR A 377 -10.02 -2.75 8.43
C THR A 377 -8.62 -2.91 7.87
N GLU A 378 -7.66 -3.23 8.68
CA GLU A 378 -6.27 -3.46 8.26
C GLU A 378 -6.10 -4.70 7.36
N ASP A 379 -6.71 -5.86 7.74
CA ASP A 379 -6.66 -7.09 7.00
C ASP A 379 -7.41 -6.99 5.68
N CYS A 380 -8.40 -6.11 5.64
CA CYS A 380 -9.02 -5.72 4.41
C CYS A 380 -8.01 -5.04 3.50
N ILE A 381 -7.37 -3.98 4.00
CA ILE A 381 -6.40 -3.29 3.19
C ILE A 381 -5.34 -4.30 2.76
N ALA A 382 -4.72 -5.09 3.62
CA ALA A 382 -3.78 -6.06 3.08
C ALA A 382 -4.39 -6.95 2.02
N LEU A 383 -5.66 -7.35 2.03
CA LEU A 383 -6.29 -8.12 0.97
C LEU A 383 -6.23 -7.41 -0.37
N VAL A 384 -6.67 -6.14 -0.43
CA VAL A 384 -6.64 -5.40 -1.69
C VAL A 384 -5.20 -5.26 -2.15
N LEU A 385 -4.29 -5.04 -1.19
CA LEU A 385 -2.86 -4.99 -1.41
C LEU A 385 -2.34 -6.28 -2.09
N LYS A 386 -2.85 -7.49 -1.81
CA LYS A 386 -2.37 -8.66 -2.52
C LYS A 386 -3.31 -9.16 -3.59
N GLY A 387 -4.17 -8.34 -4.16
CA GLY A 387 -5.07 -8.71 -5.22
C GLY A 387 -6.25 -9.61 -4.93
N GLU A 388 -6.48 -9.86 -3.64
CA GLU A 388 -7.55 -10.74 -3.22
C GLU A 388 -8.87 -10.02 -3.12
N ALA A 389 -8.85 -8.71 -3.19
CA ALA A 389 -9.98 -7.80 -3.10
C ALA A 389 -9.69 -6.44 -3.77
N ASP A 390 -10.62 -5.72 -4.40
CA ASP A 390 -10.28 -4.53 -5.14
C ASP A 390 -10.59 -3.22 -4.45
N ALA A 391 -11.60 -3.34 -3.55
CA ALA A 391 -12.11 -2.14 -2.89
C ALA A 391 -12.64 -2.26 -1.47
N LEU A 392 -12.72 -1.05 -0.89
CA LEU A 392 -13.02 -0.58 0.45
C LEU A 392 -13.03 0.96 0.55
N SER A 393 -14.17 1.45 1.10
CA SER A 393 -14.48 2.82 1.49
C SER A 393 -13.96 3.16 2.90
N LEU A 394 -12.87 3.91 2.97
CA LEU A 394 -11.99 4.05 4.11
C LEU A 394 -12.04 5.45 4.72
N ASP A 395 -11.84 5.68 6.05
CA ASP A 395 -11.65 7.03 6.66
C ASP A 395 -10.32 7.70 6.20
N GLY A 396 -10.13 9.03 6.49
CA GLY A 396 -8.89 9.75 6.30
C GLY A 396 -7.59 9.30 6.94
N GLY A 397 -7.54 8.58 8.07
CA GLY A 397 -6.40 8.00 8.72
C GLY A 397 -5.94 6.68 8.10
N TYR A 398 -6.94 5.93 7.63
CA TYR A 398 -6.67 4.71 6.91
C TYR A 398 -6.27 4.98 5.50
N ILE A 399 -6.85 6.02 4.91
CA ILE A 399 -6.44 6.45 3.57
C ILE A 399 -4.92 6.62 3.50
N TYR A 400 -4.37 7.27 4.53
CA TYR A 400 -2.92 7.41 4.64
C TYR A 400 -2.32 6.03 4.84
N ILE A 401 -2.66 5.16 5.78
CA ILE A 401 -2.10 3.80 5.74
C ILE A 401 -2.30 3.25 4.33
N ALA A 402 -3.49 3.37 3.75
CA ALA A 402 -3.73 3.03 2.37
C ALA A 402 -2.74 3.66 1.40
N GLY A 403 -2.48 4.96 1.38
CA GLY A 403 -1.60 5.58 0.40
C GLY A 403 -0.12 5.37 0.65
N LYS A 404 0.18 5.00 1.88
CA LYS A 404 1.49 4.60 2.35
C LYS A 404 1.69 3.16 1.87
N CYS A 405 0.71 2.30 1.64
CA CYS A 405 0.90 0.99 1.04
C CYS A 405 0.80 0.95 -0.48
N GLY A 406 0.92 2.02 -1.28
CA GLY A 406 0.85 2.04 -2.72
C GLY A 406 -0.48 2.32 -3.42
N LEU A 407 -1.52 2.59 -2.62
CA LEU A 407 -2.94 2.75 -2.86
C LEU A 407 -3.48 4.17 -3.06
N VAL A 408 -4.71 4.26 -3.55
CA VAL A 408 -5.25 5.49 -4.14
C VAL A 408 -6.74 5.83 -4.02
N PRO A 409 -7.05 7.12 -3.83
CA PRO A 409 -8.42 7.60 -3.74
C PRO A 409 -9.15 7.47 -5.06
N VAL A 410 -10.22 6.71 -5.19
CA VAL A 410 -10.98 6.59 -6.43
C VAL A 410 -12.11 7.63 -6.50
N LEU A 411 -13.12 7.40 -5.64
CA LEU A 411 -14.29 8.25 -5.52
C LEU A 411 -14.35 8.54 -4.01
N ALA A 412 -14.75 9.75 -3.78
CA ALA A 412 -15.00 10.37 -2.49
C ALA A 412 -16.46 10.22 -2.11
N GLU A 413 -16.68 10.11 -0.80
CA GLU A 413 -18.00 10.17 -0.19
C GLU A 413 -18.45 11.63 0.06
N SER A 414 -19.17 12.17 -0.94
CA SER A 414 -19.63 13.56 -0.80
C SER A 414 -20.78 13.65 0.19
N GLN A 415 -20.66 14.28 1.31
CA GLN A 415 -21.72 14.44 2.28
C GLN A 415 -22.84 15.30 1.67
N GLN A 416 -24.13 14.95 1.83
CA GLN A 416 -25.28 15.69 1.32
C GLN A 416 -25.53 16.86 2.30
N SER A 417 -25.14 16.46 3.51
CA SER A 417 -25.15 17.19 4.76
C SER A 417 -26.47 16.96 5.49
N PRO A 418 -26.54 15.89 6.29
CA PRO A 418 -27.69 15.30 6.94
C PRO A 418 -29.14 15.49 6.62
N GLU A 419 -29.63 16.64 6.21
CA GLU A 419 -30.95 17.07 5.82
C GLU A 419 -31.37 17.19 4.36
N SER A 420 -30.93 18.27 3.66
CA SER A 420 -31.35 18.59 2.26
C SER A 420 -30.28 19.33 1.33
N SER A 421 -30.13 18.86 0.03
CA SER A 421 -29.15 19.33 -1.05
C SER A 421 -29.73 20.01 -2.27
N GLY A 422 -30.70 19.36 -2.82
CA GLY A 422 -31.33 19.82 -4.00
C GLY A 422 -31.10 18.69 -4.96
N LEU A 423 -30.18 18.77 -5.96
CA LEU A 423 -30.27 17.61 -6.89
C LEU A 423 -29.15 16.98 -7.79
N ASP A 424 -27.88 17.24 -7.57
CA ASP A 424 -26.79 16.56 -8.31
C ASP A 424 -25.57 16.88 -7.52
N CYS A 425 -24.66 15.88 -7.52
CA CYS A 425 -23.39 15.98 -6.78
C CYS A 425 -22.11 15.35 -7.43
N VAL A 426 -22.27 14.44 -8.39
CA VAL A 426 -21.07 13.72 -8.92
C VAL A 426 -19.89 14.58 -9.38
N HIS A 427 -20.25 15.77 -9.84
CA HIS A 427 -19.34 16.71 -10.43
C HIS A 427 -19.17 17.95 -9.44
N ARG A 428 -20.15 18.15 -8.49
CA ARG A 428 -20.04 19.21 -7.45
C ARG A 428 -18.78 18.83 -6.55
N PRO A 429 -17.63 19.70 -6.54
CA PRO A 429 -16.50 19.56 -5.67
C PRO A 429 -16.65 19.02 -4.25
N VAL A 430 -15.71 18.81 -3.41
CA VAL A 430 -15.84 18.16 -2.12
C VAL A 430 -15.36 19.15 -1.03
N LYS A 431 -15.75 19.19 -0.64
CA LYS A 431 -15.26 20.21 0.29
C LYS A 431 -14.56 19.64 1.51
N GLY A 432 -15.32 19.60 2.50
CA GLY A 432 -14.50 19.01 3.48
C GLY A 432 -14.38 19.95 4.54
N TYR A 433 -14.10 19.44 5.64
CA TYR A 433 -14.44 20.46 6.56
C TYR A 433 -13.27 21.25 7.24
N LEU A 434 -13.40 22.63 7.27
CA LEU A 434 -12.32 23.50 7.82
C LEU A 434 -12.15 23.33 9.33
N ALA A 435 -11.02 22.68 9.60
CA ALA A 435 -10.71 22.25 10.97
C ALA A 435 -10.18 23.56 11.56
N VAL A 436 -10.52 23.94 12.79
CA VAL A 436 -10.25 25.32 13.22
C VAL A 436 -10.08 25.36 14.74
N ALA A 437 -9.30 26.30 15.20
CA ALA A 437 -9.01 26.50 16.61
C ALA A 437 -9.45 27.90 17.03
N VAL A 438 -10.45 27.92 17.90
CA VAL A 438 -11.15 29.11 18.32
C VAL A 438 -10.84 29.55 19.75
N VAL A 439 -10.90 30.82 19.92
CA VAL A 439 -10.54 31.48 21.14
C VAL A 439 -11.63 32.51 21.54
N ARG A 440 -11.52 33.04 22.75
CA ARG A 440 -12.32 34.18 23.23
C ARG A 440 -11.53 35.49 23.05
N LYS A 441 -12.12 36.59 22.57
CA LYS A 441 -11.45 37.87 22.39
C LYS A 441 -11.28 38.74 23.63
N ALA A 442 -11.72 38.21 24.77
CA ALA A 442 -11.49 38.63 26.13
C ALA A 442 -10.12 38.06 26.55
N ASN A 443 -9.55 37.22 25.70
CA ASN A 443 -8.24 36.65 25.79
C ASN A 443 -7.31 37.34 24.79
N ASP A 444 -6.07 37.59 25.21
CA ASP A 444 -5.09 38.28 24.37
C ASP A 444 -3.70 37.69 24.56
N LYS A 445 -3.40 37.10 25.72
CA LYS A 445 -2.25 36.19 25.85
C LYS A 445 -2.70 34.81 25.30
N ILE A 446 -2.58 34.63 23.99
CA ILE A 446 -3.03 33.41 23.31
C ILE A 446 -3.06 33.67 21.80
N THR A 447 -2.17 32.92 21.15
CA THR A 447 -1.92 32.86 19.71
C THR A 447 -1.67 31.37 19.47
N TRP A 448 -1.80 30.80 18.28
CA TRP A 448 -1.25 29.42 18.07
C TRP A 448 0.19 29.57 18.55
N ASN A 449 0.96 28.72 19.19
CA ASN A 449 2.40 29.09 19.50
C ASN A 449 2.64 29.83 20.82
N SER A 450 1.62 30.15 21.62
CA SER A 450 1.76 30.81 22.90
C SER A 450 0.95 30.00 23.91
N LEU A 451 0.74 28.75 23.52
CA LEU A 451 -0.17 27.79 24.10
C LEU A 451 0.28 26.78 25.13
N ARG A 452 1.55 26.41 25.33
CA ARG A 452 1.81 25.39 26.38
C ARG A 452 1.41 26.11 27.64
N GLY A 453 0.79 25.50 28.64
CA GLY A 453 0.18 26.28 29.73
C GLY A 453 -1.34 26.32 29.64
N LYS A 454 -1.98 26.87 28.62
CA LYS A 454 -3.41 26.97 28.45
C LYS A 454 -4.34 25.79 28.75
N LYS A 455 -5.66 26.11 28.73
CA LYS A 455 -6.76 25.19 28.77
C LYS A 455 -7.20 24.89 27.32
N SER A 456 -7.63 23.65 27.22
CA SER A 456 -8.12 23.21 25.94
C SER A 456 -9.54 22.69 26.16
N CYS A 457 -10.21 22.83 25.02
CA CYS A 457 -11.48 22.21 24.78
C CYS A 457 -11.27 21.35 23.55
N HIS A 458 -11.30 20.05 23.76
CA HIS A 458 -11.38 19.07 22.71
C HIS A 458 -12.84 18.58 22.66
N THR A 459 -13.15 18.32 21.40
CA THR A 459 -14.39 17.69 20.92
C THR A 459 -14.50 16.28 21.45
N ALA A 460 -13.60 15.35 21.28
CA ALA A 460 -13.37 14.10 21.94
C ALA A 460 -11.93 13.65 21.69
N VAL A 461 -11.51 12.67 22.50
CA VAL A 461 -10.22 12.00 22.35
C VAL A 461 -10.37 11.07 21.13
N ASP A 462 -9.43 11.28 20.23
CA ASP A 462 -9.22 10.69 18.91
C ASP A 462 -10.23 10.98 17.82
N ARG A 463 -10.72 12.21 17.71
CA ARG A 463 -11.46 12.61 16.53
C ARG A 463 -10.66 13.70 15.87
N THR A 464 -10.93 13.74 14.61
CA THR A 464 -10.13 14.37 13.56
C THR A 464 -9.89 15.84 13.77
N ALA A 465 -10.83 16.73 14.08
CA ALA A 465 -10.53 18.15 14.12
C ALA A 465 -10.41 18.58 15.57
N GLY A 466 -10.87 17.71 16.46
CA GLY A 466 -10.95 18.10 17.84
C GLY A 466 -9.81 17.56 18.68
N TRP A 467 -9.06 16.63 18.11
CA TRP A 467 -7.86 16.01 18.68
C TRP A 467 -6.65 15.77 17.75
N ASN A 468 -6.73 14.82 16.83
CA ASN A 468 -5.69 14.38 15.96
C ASN A 468 -4.88 15.40 15.14
N ILE A 469 -5.55 16.40 14.63
CA ILE A 469 -4.94 17.49 13.92
C ILE A 469 -4.40 18.58 14.84
N PRO A 470 -5.18 19.11 15.78
CA PRO A 470 -4.67 20.07 16.76
C PRO A 470 -3.44 19.43 17.40
N MET A 471 -3.53 18.23 17.96
CA MET A 471 -2.34 17.52 18.40
C MET A 471 -1.26 17.08 17.41
N GLY A 472 -1.54 16.94 16.14
CA GLY A 472 -0.57 16.64 15.08
C GLY A 472 0.45 17.76 14.94
N PRO A 473 0.21 18.78 14.11
CA PRO A 473 1.02 19.97 14.01
C PRO A 473 1.49 20.66 15.30
N LEU A 474 0.71 20.71 16.39
CA LEU A 474 1.15 21.22 17.68
C LEU A 474 2.37 20.44 18.20
N PHE A 475 2.33 19.12 18.12
CA PHE A 475 3.38 18.19 18.48
C PHE A 475 4.35 17.73 17.39
N LYS A 476 4.37 18.41 16.26
CA LYS A 476 5.07 17.99 15.07
C LYS A 476 6.58 18.14 15.17
N ASP A 477 6.99 19.33 15.48
CA ASP A 477 8.37 19.73 15.69
C ASP A 477 9.07 18.79 16.65
N THR A 478 8.61 18.65 17.90
CA THR A 478 9.11 17.70 18.88
C THR A 478 8.76 16.28 18.45
N ASP A 479 9.48 15.34 19.06
CA ASP A 479 9.29 13.92 18.75
C ASP A 479 8.98 13.17 20.03
N SER A 480 8.54 13.93 21.04
CA SER A 480 7.97 13.31 22.25
C SER A 480 6.48 13.07 21.97
N CYS A 481 5.92 12.01 22.59
CA CYS A 481 4.51 11.66 22.36
C CYS A 481 3.62 11.78 23.59
N ARG A 482 4.01 12.60 24.58
CA ARG A 482 3.22 12.87 25.78
C ARG A 482 2.35 14.09 25.51
N PHE A 483 1.12 13.82 25.05
CA PHE A 483 0.12 14.73 24.52
C PHE A 483 -0.79 15.29 25.61
N ASP A 484 -0.32 15.09 26.82
CA ASP A 484 -0.90 15.58 28.06
C ASP A 484 0.05 16.56 28.79
N GLU A 485 1.30 16.62 28.32
CA GLU A 485 2.35 17.48 28.79
C GLU A 485 2.53 18.68 27.84
N PHE A 486 1.41 19.37 27.60
CA PHE A 486 1.41 20.61 26.82
C PHE A 486 0.33 21.61 27.23
N PHE A 487 -0.88 21.13 27.51
CA PHE A 487 -1.92 22.03 28.00
C PHE A 487 -1.88 21.95 29.52
N SER A 488 -2.37 22.95 30.24
CA SER A 488 -2.46 22.78 31.68
C SER A 488 -3.49 21.74 32.12
N GLN A 489 -4.69 22.04 31.60
CA GLN A 489 -5.85 21.22 31.81
C GLN A 489 -6.70 21.29 30.56
N SER A 490 -6.89 20.13 29.98
CA SER A 490 -7.67 20.00 28.74
C SER A 490 -8.94 19.25 29.14
N CYS A 491 -10.11 19.45 28.52
CA CYS A 491 -11.21 18.49 28.65
C CYS A 491 -11.16 17.75 27.28
N ALA A 492 -10.72 16.48 27.26
CA ALA A 492 -10.79 15.67 26.06
C ALA A 492 -11.54 14.41 26.50
N PRO A 493 -12.77 14.32 26.02
CA PRO A 493 -13.67 13.24 26.39
C PRO A 493 -13.24 11.98 25.67
N GLY A 494 -12.61 11.16 26.50
CA GLY A 494 -12.05 9.89 26.11
C GLY A 494 -10.85 9.57 27.02
N SER A 495 -10.35 10.59 27.71
CA SER A 495 -9.12 10.49 28.49
C SER A 495 -9.26 10.02 29.91
N ASP A 496 -8.17 9.87 30.70
CA ASP A 496 -8.30 9.31 32.06
C ASP A 496 -8.97 10.23 33.07
N PRO A 497 -9.99 9.80 33.83
CA PRO A 497 -10.78 10.59 34.73
C PRO A 497 -10.19 11.47 35.84
N ARG A 498 -8.95 11.14 36.19
CA ARG A 498 -8.10 11.80 37.16
C ARG A 498 -7.06 12.77 36.60
N SER A 499 -6.60 12.60 35.35
CA SER A 499 -5.51 13.22 34.67
C SER A 499 -5.71 14.67 34.33
N LYS A 500 -4.69 15.28 33.74
CA LYS A 500 -4.72 16.66 33.26
C LYS A 500 -5.48 16.81 31.94
N LEU A 501 -6.18 15.76 31.57
CA LEU A 501 -6.91 15.58 30.35
C LEU A 501 -8.39 15.44 30.58
N CYS A 502 -8.83 15.31 31.83
CA CYS A 502 -10.26 15.23 32.10
C CYS A 502 -10.70 16.20 33.17
N ALA A 503 -9.74 16.99 33.66
CA ALA A 503 -10.02 17.87 34.78
C ALA A 503 -11.12 18.86 34.48
N LEU A 504 -11.09 19.63 33.40
CA LEU A 504 -12.19 20.53 33.07
C LEU A 504 -13.52 19.84 32.74
N CYS A 505 -13.49 18.59 32.32
CA CYS A 505 -14.69 17.91 31.84
C CYS A 505 -15.89 18.16 32.72
N ALA A 506 -17.04 18.20 32.03
CA ALA A 506 -18.34 18.43 32.63
C ALA A 506 -18.86 17.28 33.46
N GLY A 507 -19.30 16.17 32.89
CA GLY A 507 -19.97 15.15 33.72
C GLY A 507 -21.45 15.50 33.60
N ASN A 508 -22.28 14.55 33.97
CA ASN A 508 -23.74 14.56 33.78
C ASN A 508 -24.49 15.45 34.75
N GLU A 509 -24.66 16.74 34.47
CA GLU A 509 -25.25 17.84 35.20
C GLU A 509 -24.53 18.19 36.50
N GLU A 510 -23.23 17.86 36.42
CA GLU A 510 -22.29 17.92 37.54
C GLU A 510 -22.89 16.89 38.51
N GLY A 511 -22.71 15.62 38.12
CA GLY A 511 -23.36 14.51 38.82
C GLY A 511 -22.83 13.12 38.51
N GLN A 512 -23.14 12.53 37.35
CA GLN A 512 -22.72 11.17 37.01
C GLN A 512 -21.55 11.17 36.04
N LEU A 513 -21.53 10.35 35.01
CA LEU A 513 -20.48 10.16 34.04
C LEU A 513 -19.58 11.30 33.62
N LYS A 514 -18.47 11.38 34.37
CA LYS A 514 -17.50 12.46 34.20
C LYS A 514 -16.26 12.02 33.42
N CYS A 515 -16.04 12.82 32.38
CA CYS A 515 -15.07 12.70 31.32
C CYS A 515 -15.20 11.34 30.64
N VAL A 516 -16.36 11.36 29.98
CA VAL A 516 -16.93 10.17 29.33
C VAL A 516 -17.27 10.63 27.92
N PRO A 517 -16.96 9.79 26.92
CA PRO A 517 -17.15 10.13 25.52
C PRO A 517 -18.57 10.15 24.99
N ASN A 518 -19.54 10.72 25.71
CA ASN A 518 -20.89 10.93 25.19
C ASN A 518 -21.52 12.22 25.69
N SER A 519 -22.71 12.63 25.27
CA SER A 519 -23.45 13.83 25.62
C SER A 519 -23.85 14.05 27.08
N SER A 520 -23.68 12.99 27.85
CA SER A 520 -23.72 12.80 29.27
C SER A 520 -22.54 13.45 29.99
N GLU A 521 -21.41 13.57 29.31
CA GLU A 521 -20.29 14.41 29.70
C GLU A 521 -20.56 15.65 28.85
N ARG A 522 -21.11 16.68 29.47
CA ARG A 522 -21.57 17.87 28.76
C ARG A 522 -20.54 18.53 27.86
N LEU A 523 -19.30 18.72 28.33
CA LEU A 523 -18.25 19.46 27.60
C LEU A 523 -17.58 18.62 26.51
N TYR A 524 -18.29 17.79 25.75
CA TYR A 524 -17.96 16.88 24.68
C TYR A 524 -18.55 17.18 23.30
N GLY A 525 -17.98 16.67 22.21
CA GLY A 525 -18.49 16.71 20.86
C GLY A 525 -18.00 17.98 20.21
N TYR A 526 -18.37 18.28 18.93
CA TYR A 526 -18.43 20.16 18.51
C TYR A 526 -18.71 20.82 19.22
N THR A 527 -19.79 20.43 19.90
CA THR A 527 -20.81 20.91 20.77
C THR A 527 -20.35 21.54 22.07
N GLY A 528 -19.46 20.82 22.75
CA GLY A 528 -18.77 21.14 23.99
C GLY A 528 -17.23 21.27 23.75
N ALA A 529 -16.96 21.48 22.46
CA ALA A 529 -15.75 22.07 21.96
C ALA A 529 -16.06 23.57 22.06
N PHE A 530 -17.23 24.08 21.64
CA PHE A 530 -17.66 25.45 21.74
C PHE A 530 -18.27 25.97 23.04
N ARG A 531 -18.57 25.09 23.97
CA ARG A 531 -19.13 25.27 25.29
C ARG A 531 -18.18 25.22 26.48
N CYS A 532 -16.96 24.68 26.44
CA CYS A 532 -15.99 24.92 27.51
C CYS A 532 -15.26 26.22 27.18
N LEU A 533 -15.04 26.52 25.89
CA LEU A 533 -14.56 27.80 25.44
C LEU A 533 -15.57 28.92 25.75
N ALA A 534 -16.79 28.86 25.20
CA ALA A 534 -17.81 29.85 25.40
C ALA A 534 -18.21 30.17 26.82
N GLU A 535 -17.95 29.40 27.85
CA GLU A 535 -18.31 29.69 29.22
C GLU A 535 -17.12 29.89 30.13
N ASN A 536 -16.01 30.38 29.63
CA ASN A 536 -14.73 30.52 30.26
C ASN A 536 -14.20 29.52 31.26
N VAL A 537 -13.84 28.37 30.65
CA VAL A 537 -13.31 27.12 31.21
C VAL A 537 -12.09 26.81 30.32
N GLY A 538 -12.36 26.89 29.01
CA GLY A 538 -11.32 26.56 28.04
C GLY A 538 -10.73 27.89 27.60
N ASP A 539 -9.45 27.83 27.30
CA ASP A 539 -8.84 28.99 26.65
C ASP A 539 -8.99 28.88 25.14
N VAL A 540 -9.06 27.65 24.65
CA VAL A 540 -9.14 27.38 23.22
C VAL A 540 -9.98 26.12 23.04
N ALA A 541 -10.54 25.94 21.86
CA ALA A 541 -11.38 24.76 21.62
C ALA A 541 -11.17 24.23 20.21
N PHE A 542 -11.05 22.90 20.05
CA PHE A 542 -10.81 22.36 18.71
C PHE A 542 -12.09 21.78 18.12
N VAL A 543 -12.56 22.49 17.06
CA VAL A 543 -13.79 22.27 16.33
C VAL A 543 -13.59 22.43 14.82
N LYS A 544 -14.69 22.37 14.06
CA LYS A 544 -14.79 22.75 12.68
C LYS A 544 -15.38 24.18 12.78
N ASP A 545 -15.15 24.97 11.72
CA ASP A 545 -15.49 26.38 11.71
C ASP A 545 -16.95 26.65 12.01
N VAL A 546 -17.80 25.71 11.66
CA VAL A 546 -19.23 25.66 11.86
C VAL A 546 -19.74 25.58 13.28
N THR A 547 -19.19 24.81 14.21
CA THR A 547 -19.53 24.93 15.64
C THR A 547 -19.76 26.30 16.25
N VAL A 548 -19.21 27.37 15.73
CA VAL A 548 -19.41 28.73 16.13
C VAL A 548 -20.64 29.30 15.44
N LEU A 549 -20.59 29.41 14.11
CA LEU A 549 -21.63 30.03 13.31
C LEU A 549 -22.76 29.11 12.89
N ASP A 550 -23.04 28.18 13.78
CA ASP A 550 -24.13 27.26 13.90
C ASP A 550 -24.34 26.97 15.40
N ASN A 551 -24.03 27.98 16.22
CA ASN A 551 -24.21 27.96 17.66
C ASN A 551 -24.20 29.33 18.35
N THR A 552 -23.62 30.31 17.66
CA THR A 552 -23.59 31.69 18.12
C THR A 552 -24.85 32.32 17.52
N ASP A 553 -25.01 33.63 17.59
CA ASP A 553 -26.04 34.45 17.00
C ASP A 553 -27.36 34.54 17.77
N GLY A 554 -27.48 33.68 18.78
CA GLY A 554 -28.63 33.37 19.59
C GLY A 554 -29.14 31.95 19.34
N LYS A 555 -28.29 30.89 19.37
CA LYS A 555 -28.78 29.57 19.01
C LYS A 555 -28.51 28.28 19.74
N GLY A 556 -27.63 28.07 20.70
CA GLY A 556 -27.42 26.69 21.16
C GLY A 556 -28.66 26.24 21.91
N THR A 557 -28.40 25.60 23.05
CA THR A 557 -29.46 25.14 23.95
C THR A 557 -29.72 26.23 24.99
N GLU A 558 -30.78 26.15 25.77
CA GLU A 558 -31.04 27.10 26.84
C GLU A 558 -29.79 27.53 27.61
N GLN A 559 -29.52 28.79 27.88
CA GLN A 559 -28.59 29.29 28.87
C GLN A 559 -27.15 29.66 28.65
N TRP A 560 -26.44 29.12 27.66
CA TRP A 560 -25.03 29.40 27.41
C TRP A 560 -24.75 29.99 26.02
N ALA A 561 -25.34 29.36 25.01
CA ALA A 561 -25.15 29.67 23.60
C ALA A 561 -26.18 30.70 23.14
N LYS A 562 -27.15 30.83 24.03
CA LYS A 562 -28.16 31.89 23.96
C LYS A 562 -27.42 33.22 24.15
N ASP A 563 -28.01 34.31 23.71
CA ASP A 563 -27.41 35.64 23.66
C ASP A 563 -25.88 35.50 23.71
N LEU A 564 -25.32 35.08 22.57
CA LEU A 564 -23.91 35.07 22.28
C LEU A 564 -23.80 35.36 20.78
N LYS A 565 -23.11 36.45 20.46
CA LYS A 565 -22.86 36.86 19.07
C LYS A 565 -21.72 35.96 18.62
N LEU A 566 -21.31 35.94 17.37
CA LEU A 566 -20.20 35.16 16.82
C LEU A 566 -18.93 35.98 16.51
N GLY A 567 -18.99 37.32 16.64
CA GLY A 567 -17.95 38.31 16.42
C GLY A 567 -17.30 38.82 17.73
N ASP A 568 -17.57 38.02 18.72
CA ASP A 568 -17.28 37.64 20.03
C ASP A 568 -16.25 36.48 20.04
N PHE A 569 -15.87 35.88 18.91
CA PHE A 569 -15.01 34.69 18.95
C PHE A 569 -13.87 34.77 17.96
N GLU A 570 -13.04 35.21 17.92
CA GLU A 570 -12.06 35.46 16.87
C GLU A 570 -11.20 34.21 16.65
N LEU A 571 -11.36 33.63 15.46
CA LEU A 571 -10.64 32.43 15.06
C LEU A 571 -9.15 32.46 15.36
N LEU A 572 -8.50 31.32 15.12
CA LEU A 572 -7.06 31.18 15.37
C LEU A 572 -6.39 30.71 14.08
N CYS A 573 -5.64 30.36 14.50
CA CYS A 573 -4.75 30.78 13.41
C CYS A 573 -3.27 30.44 13.42
N LEU A 574 -2.93 29.54 12.51
CA LEU A 574 -1.70 28.81 12.30
C LEU A 574 -0.53 29.66 11.81
N ASN A 575 -0.93 30.58 10.94
CA ASN A 575 -0.08 31.64 10.42
C ASN A 575 0.65 32.27 11.59
N GLY A 576 -0.10 32.55 12.66
CA GLY A 576 0.41 33.11 13.90
C GLY A 576 -0.57 34.23 14.24
N THR A 577 -1.24 34.69 13.18
CA THR A 577 -2.23 35.78 13.31
C THR A 577 -3.52 35.27 13.90
N ARG A 578 -4.68 35.92 13.82
CA ARG A 578 -5.99 35.50 14.28
C ARG A 578 -7.09 36.39 13.70
N LYS A 579 -8.13 35.75 13.18
CA LYS A 579 -9.27 36.38 12.50
C LYS A 579 -10.61 35.74 12.93
N PRO A 580 -11.74 36.34 12.54
CA PRO A 580 -13.07 35.89 12.92
C PRO A 580 -13.58 34.75 12.08
N VAL A 581 -14.37 33.85 12.69
CA VAL A 581 -14.79 32.58 12.19
C VAL A 581 -15.38 32.51 10.81
N THR A 582 -15.81 33.67 10.36
CA THR A 582 -16.41 34.02 9.08
C THR A 582 -15.51 33.52 7.95
N GLU A 583 -14.37 34.21 7.86
CA GLU A 583 -13.29 33.80 6.96
C GLU A 583 -12.40 32.83 7.75
N ALA A 584 -12.82 31.55 7.78
CA ALA A 584 -12.05 30.44 8.34
C ALA A 584 -11.41 29.78 7.10
N GLU A 585 -11.71 30.37 5.97
CA GLU A 585 -11.29 30.16 4.63
C GLU A 585 -9.86 30.56 4.31
N SER A 586 -9.17 31.16 5.26
CA SER A 586 -7.75 31.46 5.26
C SER A 586 -7.15 31.08 6.62
N CYS A 587 -7.94 31.16 7.69
CA CYS A 587 -7.50 30.90 9.06
C CYS A 587 -7.97 29.61 9.74
N HIS A 588 -7.63 28.48 9.09
CA HIS A 588 -7.92 27.13 9.55
C HIS A 588 -6.70 26.25 9.75
N LEU A 589 -6.93 25.11 10.39
CA LEU A 589 -6.08 23.89 10.40
C LEU A 589 -6.45 23.22 9.07
N PRO A 590 -6.19 21.96 8.76
CA PRO A 590 -6.53 21.35 7.49
C PRO A 590 -8.03 21.41 7.26
N VAL A 591 -8.29 20.79 6.15
CA VAL A 591 -9.67 20.41 5.84
C VAL A 591 -9.61 18.90 6.02
N ALA A 592 -10.20 18.48 7.14
CA ALA A 592 -10.26 17.04 7.51
C ALA A 592 -11.07 16.32 6.44
N PRO A 593 -10.50 15.38 5.66
CA PRO A 593 -11.08 14.98 4.38
C PRO A 593 -12.11 13.89 4.28
N ASN A 594 -12.91 13.86 3.20
CA ASN A 594 -14.03 12.90 3.05
C ASN A 594 -13.55 11.45 3.07
N HIS A 595 -14.48 10.56 3.41
CA HIS A 595 -14.17 9.17 3.45
C HIS A 595 -14.22 8.82 1.97
N ALA A 596 -13.19 8.10 1.51
CA ALA A 596 -13.08 7.79 0.11
C ALA A 596 -13.03 6.28 -0.16
N VAL A 597 -13.04 5.96 -1.45
CA VAL A 597 -12.88 4.60 -1.91
C VAL A 597 -11.47 4.48 -2.49
N VAL A 598 -10.69 3.65 -1.81
CA VAL A 598 -9.28 3.49 -2.18
C VAL A 598 -9.14 2.21 -2.97
N SER A 599 -8.52 2.15 -4.15
CA SER A 599 -8.12 0.90 -4.78
C SER A 599 -6.66 1.00 -5.23
N ARG A 600 -6.21 0.02 -5.98
CA ARG A 600 -4.84 0.05 -6.56
C ARG A 600 -4.93 0.89 -7.83
N ILE A 601 -3.88 1.46 -8.37
CA ILE A 601 -4.01 2.31 -9.56
C ILE A 601 -4.33 1.67 -10.90
N ASP A 602 -4.31 0.36 -10.94
CA ASP A 602 -4.80 -0.43 -12.05
C ASP A 602 -6.33 -0.57 -12.06
N LYS A 603 -6.94 -1.03 -10.94
CA LYS A 603 -8.38 -1.19 -10.89
C LYS A 603 -9.10 0.11 -11.23
N VAL A 604 -8.77 1.17 -10.50
CA VAL A 604 -9.12 2.55 -10.73
C VAL A 604 -10.14 2.91 -11.76
N ALA A 605 -9.84 3.05 -13.02
CA ALA A 605 -10.83 3.40 -14.03
C ALA A 605 -12.01 2.43 -14.12
N HIS A 606 -11.78 1.12 -14.23
CA HIS A 606 -12.89 0.16 -14.27
C HIS A 606 -13.83 0.38 -13.08
N LEU A 607 -13.29 0.25 -11.88
CA LEU A 607 -13.90 0.57 -10.62
C LEU A 607 -14.66 1.89 -10.70
N ARG A 608 -14.02 3.02 -10.99
CA ARG A 608 -14.73 4.27 -11.11
C ARG A 608 -16.01 4.06 -11.90
N GLN A 609 -15.98 3.50 -13.10
CA GLN A 609 -17.12 3.34 -13.99
C GLN A 609 -18.29 2.55 -13.43
N VAL A 610 -17.94 1.49 -12.70
CA VAL A 610 -18.80 0.49 -12.13
C VAL A 610 -19.47 1.01 -10.90
N LEU A 611 -18.92 2.02 -10.26
CA LEU A 611 -19.58 2.64 -9.12
C LEU A 611 -20.45 3.86 -9.44
N LEU A 612 -20.19 4.50 -10.58
CA LEU A 612 -21.04 5.58 -11.09
C LEU A 612 -22.36 4.95 -11.51
N ARG A 613 -22.28 3.81 -12.20
CA ARG A 613 -23.37 2.89 -12.48
C ARG A 613 -23.96 2.22 -11.26
N GLN A 614 -23.28 1.56 -10.34
CA GLN A 614 -23.90 1.10 -9.10
C GLN A 614 -24.79 2.16 -8.46
N GLN A 615 -24.25 3.32 -8.15
CA GLN A 615 -24.90 4.49 -7.61
C GLN A 615 -26.09 4.96 -8.41
N ALA A 616 -26.00 5.07 -9.74
CA ALA A 616 -27.08 5.32 -10.66
C ALA A 616 -28.29 4.42 -10.58
N HIS A 617 -28.27 3.21 -10.01
CA HIS A 617 -29.47 2.39 -9.88
C HIS A 617 -29.87 2.35 -8.40
N PHE A 618 -28.93 2.35 -7.48
CA PHE A 618 -29.19 2.20 -6.06
C PHE A 618 -28.73 3.39 -5.23
N GLY A 619 -28.27 4.43 -5.88
CA GLY A 619 -27.70 5.57 -5.13
C GLY A 619 -28.84 6.52 -4.81
N ARG A 620 -28.70 7.55 -3.99
CA ARG A 620 -29.77 8.45 -3.57
C ARG A 620 -30.93 8.65 -4.52
N ASN A 621 -30.68 8.83 -5.82
CA ASN A 621 -31.57 8.94 -6.93
C ASN A 621 -31.71 7.69 -7.83
N GLY A 622 -31.50 6.58 -7.11
CA GLY A 622 -31.69 5.27 -7.64
C GLY A 622 -33.03 5.25 -8.37
N GLU A 623 -32.93 4.84 -9.62
CA GLU A 623 -34.09 4.48 -10.44
C GLU A 623 -34.51 3.05 -10.15
N ASP A 624 -34.26 2.54 -8.98
CA ASP A 624 -34.34 1.28 -8.36
C ASP A 624 -33.96 1.41 -6.86
N CYS A 625 -33.62 2.62 -6.36
CA CYS A 625 -33.21 2.77 -4.98
C CYS A 625 -34.38 2.34 -4.12
N PRO A 626 -35.35 3.21 -3.90
CA PRO A 626 -36.49 2.79 -3.08
C PRO A 626 -36.94 1.37 -3.47
N GLY A 627 -37.20 1.14 -4.76
CA GLY A 627 -37.47 -0.05 -5.45
C GLY A 627 -36.71 -1.35 -5.25
N LYS A 628 -35.39 -1.38 -4.98
CA LYS A 628 -34.71 -2.67 -4.81
C LYS A 628 -33.80 -2.79 -3.60
N PHE A 629 -32.62 -2.22 -3.67
CA PHE A 629 -31.59 -2.18 -2.65
C PHE A 629 -31.25 -0.69 -2.55
N CYS A 630 -30.67 -0.17 -1.47
CA CYS A 630 -30.34 1.24 -1.41
C CYS A 630 -28.88 1.46 -1.04
N LEU A 631 -28.14 2.16 -1.90
CA LEU A 631 -26.71 2.29 -1.67
C LEU A 631 -26.36 2.82 -0.29
N PHE A 632 -26.82 4.00 0.10
CA PHE A 632 -26.28 4.72 1.25
C PHE A 632 -26.68 4.28 2.63
N GLN A 633 -27.87 3.71 2.69
CA GLN A 633 -28.61 3.08 3.75
C GLN A 633 -28.07 1.79 4.37
N SER A 634 -27.37 1.95 5.47
CA SER A 634 -26.87 0.78 6.19
C SER A 634 -27.98 0.18 7.03
N LYS A 635 -27.75 -0.96 7.68
CA LYS A 635 -28.53 -1.64 8.68
C LYS A 635 -28.14 -1.03 10.05
N THR A 636 -28.45 0.26 10.04
CA THR A 636 -28.22 1.25 11.03
C THR A 636 -26.83 1.11 11.59
N LYS A 637 -25.78 1.46 10.86
CA LYS A 637 -24.43 1.27 11.42
C LYS A 637 -23.33 1.82 10.54
N ASN A 638 -23.71 2.61 9.55
CA ASN A 638 -22.77 3.18 8.58
C ASN A 638 -22.01 2.13 7.75
N LEU A 639 -22.70 1.06 7.44
CA LEU A 639 -22.29 -0.12 6.76
C LEU A 639 -22.10 0.05 5.27
N LEU A 640 -20.86 -0.29 4.94
CA LEU A 640 -20.19 -0.22 3.65
C LEU A 640 -19.81 1.24 3.37
N PHE A 641 -20.85 2.05 3.10
CA PHE A 641 -20.68 3.49 3.00
C PHE A 641 -21.40 4.12 4.20
N ASN A 642 -20.95 5.28 4.61
CA ASN A 642 -21.55 6.19 5.55
C ASN A 642 -22.94 6.72 5.17
N ASP A 643 -23.83 6.65 6.14
CA ASP A 643 -25.25 6.89 6.05
C ASP A 643 -25.64 8.22 5.46
N ASN A 644 -24.95 9.30 5.85
CA ASN A 644 -25.32 10.60 5.33
C ASN A 644 -24.58 11.04 4.07
N THR A 645 -24.27 10.14 3.12
CA THR A 645 -23.52 10.65 1.96
C THR A 645 -24.45 10.71 0.77
N GLU A 646 -24.38 11.84 0.07
CA GLU A 646 -25.21 12.24 -1.06
C GLU A 646 -24.86 11.34 -2.24
N CYS A 647 -23.54 11.35 -2.51
CA CYS A 647 -23.03 10.42 -3.50
C CYS A 647 -21.52 10.18 -3.47
N LEU A 648 -21.11 9.26 -4.36
CA LEU A 648 -19.68 9.10 -4.63
C LEU A 648 -19.44 10.04 -5.83
N ALA A 649 -18.49 10.93 -5.55
CA ALA A 649 -18.06 12.00 -6.42
C ALA A 649 -16.54 12.04 -6.59
N LYS A 650 -16.19 11.84 -7.84
CA LYS A 650 -14.90 11.87 -8.48
C LYS A 650 -13.89 12.80 -7.83
N LEU A 651 -12.60 12.45 -7.71
CA LEU A 651 -11.72 13.34 -7.01
C LEU A 651 -11.30 14.62 -7.68
N GLN A 652 -11.09 14.83 -8.96
CA GLN A 652 -10.86 16.16 -9.53
C GLN A 652 -9.55 16.92 -9.48
N GLY A 653 -8.37 16.27 -9.62
CA GLY A 653 -7.05 16.91 -9.50
C GLY A 653 -6.62 16.91 -8.01
N LYS A 654 -7.07 15.83 -7.40
CA LYS A 654 -7.08 15.42 -6.02
C LYS A 654 -6.96 13.88 -6.09
N THR A 655 -6.03 13.51 -6.98
CA THR A 655 -5.72 12.17 -7.40
C THR A 655 -4.74 11.32 -6.62
N THR A 656 -3.84 11.91 -5.83
CA THR A 656 -2.82 11.27 -4.97
C THR A 656 -3.39 11.03 -3.57
N TYR A 657 -2.76 10.39 -2.56
CA TYR A 657 -3.29 10.28 -1.21
C TYR A 657 -3.16 11.59 -0.44
N ASP A 658 -2.00 12.23 -0.59
CA ASP A 658 -1.56 13.43 0.07
C ASP A 658 -1.92 14.70 -0.70
N GLU A 659 -2.19 14.53 -1.97
CA GLU A 659 -2.87 15.56 -2.76
C GLU A 659 -4.32 15.51 -2.28
N TYR A 660 -4.86 14.38 -1.83
CA TYR A 660 -6.23 14.32 -1.35
C TYR A 660 -6.50 14.78 0.06
N LEU A 661 -5.72 14.32 1.01
CA LEU A 661 -5.88 14.48 2.45
C LEU A 661 -5.55 15.86 3.01
N GLY A 662 -4.63 16.48 2.27
CA GLY A 662 -4.06 17.80 2.54
C GLY A 662 -2.71 17.57 3.24
N PRO A 663 -1.71 18.39 2.96
CA PRO A 663 -0.42 18.34 3.63
C PRO A 663 -0.24 18.85 5.05
N GLN A 664 -1.27 19.37 5.69
CA GLN A 664 -1.39 19.83 7.06
C GLN A 664 -1.91 18.60 7.81
N TYR A 665 -2.79 17.94 7.07
CA TYR A 665 -3.38 16.67 7.37
C TYR A 665 -2.43 15.49 7.44
N VAL A 666 -1.58 15.25 6.47
CA VAL A 666 -0.46 14.32 6.47
C VAL A 666 0.43 14.57 7.69
N THR A 667 0.88 15.81 7.97
CA THR A 667 1.71 16.14 9.12
C THR A 667 1.07 15.73 10.45
N ALA A 668 -0.08 16.33 10.75
CA ALA A 668 -0.90 15.88 11.86
C ALA A 668 -0.84 14.36 12.07
N ILE A 669 -1.31 13.66 11.01
CA ILE A 669 -1.46 12.23 10.95
C ILE A 669 -0.11 11.51 10.92
N ALA A 670 0.92 12.05 10.31
CA ALA A 670 2.25 11.50 10.45
C ALA A 670 2.79 11.65 11.86
N LYS A 671 2.69 12.80 12.54
CA LYS A 671 3.19 12.89 13.89
C LYS A 671 2.65 11.78 14.79
N LEU A 672 1.31 11.78 14.83
CA LEU A 672 0.51 10.86 15.61
C LEU A 672 0.82 9.40 15.35
N ARG A 673 0.86 9.03 14.08
CA ARG A 673 0.99 7.62 13.70
C ARG A 673 2.35 7.07 14.06
N ARG A 674 3.37 7.87 14.35
CA ARG A 674 4.59 7.35 14.96
C ARG A 674 4.33 7.12 16.46
N CYS A 675 3.38 7.87 17.01
CA CYS A 675 3.01 7.77 18.43
C CYS A 675 2.16 6.54 18.67
N SER A 676 1.23 6.31 17.75
CA SER A 676 0.43 5.09 17.67
C SER A 676 0.77 4.27 16.44
N THR A 677 1.54 3.19 16.55
CA THR A 677 2.02 2.32 15.49
C THR A 677 1.06 1.38 14.73
N SER A 678 1.26 1.23 13.40
CA SER A 678 0.48 0.26 12.67
C SER A 678 1.37 -0.80 12.04
N PRO A 679 1.20 -2.06 12.44
CA PRO A 679 1.84 -3.19 11.78
C PRO A 679 1.57 -3.34 10.29
N LEU A 680 0.47 -2.91 9.69
CA LEU A 680 0.33 -2.93 8.24
C LEU A 680 1.24 -1.85 7.68
N LEU A 681 1.45 -0.80 8.46
CA LEU A 681 2.37 0.33 8.23
C LEU A 681 3.84 0.02 8.46
N GLU A 682 4.24 -0.74 9.49
CA GLU A 682 5.53 -1.41 9.64
C GLU A 682 5.81 -2.32 8.42
N ALA A 683 4.83 -3.24 8.17
CA ALA A 683 4.95 -4.20 7.09
C ALA A 683 5.13 -3.37 5.82
N CYS A 684 4.29 -2.38 5.58
CA CYS A 684 4.51 -1.52 4.43
C CYS A 684 5.83 -0.86 4.16
N ALA A 685 6.44 -0.22 5.16
CA ALA A 685 7.70 0.52 5.11
C ALA A 685 8.88 -0.41 4.92
N PHE A 686 8.80 -1.62 5.49
CA PHE A 686 9.81 -2.65 5.36
C PHE A 686 10.06 -3.11 3.93
N LEU A 687 9.00 -3.13 3.15
CA LEU A 687 8.87 -3.58 1.80
C LEU A 687 9.44 -2.54 0.88
N MET A 688 9.85 -1.37 1.34
CA MET A 688 10.76 -0.45 0.70
C MET A 688 12.10 -0.29 1.49
N ARG A 689 13.19 -0.90 1.00
CA ARG A 689 14.46 -1.04 1.66
C ARG A 689 15.67 -1.01 0.70
FE FE B . 15.54 -10.21 -13.59
FE FE C . -14.72 14.02 14.30
C CO3 D . 16.40 -12.73 -13.13
O1 CO3 D . 15.50 -12.65 -12.22
O2 CO3 D . 15.99 -12.88 -14.28
O3 CO3 D . 17.15 -13.77 -13.05
C CO3 E . -15.05 11.69 12.65
O1 CO3 E . -14.83 11.50 13.89
O2 CO3 E . -15.18 12.78 12.10
O3 CO3 E . -14.08 11.22 11.95
#